data_4FD7
#
_entry.id   4FD7
#
_cell.length_a   126.671
_cell.length_b   89.281
_cell.length_c   92.442
_cell.angle_alpha   90.00
_cell.angle_beta   96.16
_cell.angle_gamma   90.00
#
_symmetry.space_group_name_H-M   'C 1 2 1'
#
loop_
_entity.id
_entity.type
_entity.pdbx_description
1 polymer 'putative arylalkylamine N-Acetyltransferase 7'
2 non-polymer 'IODIDE ION'
3 non-polymer 1,2-ETHANEDIOL
4 non-polymer 'SULFATE ION'
5 water water
#
_entity_poly.entity_id   1
_entity_poly.type   'polypeptide(L)'
_entity_poly.pdbx_seq_one_letter_code
;MKWTRSVKVPFPSVWHRFQAKDLTSQQLVWYRVQDLPEDRFEDAIRHMCDYFARDELMNQAKGLAKDLVAMGDVVALWKA
MLPDRMSLVCFREGSDEIVGVNILDVASRSDKDNAQFNSAIFQAIYDTIEYVSHQANIFDRYNVDHYLNAMGLSVDPKYR
GRGIATEILRARIPLCRAVGLKLSATCFTGPNSQTAATRVGFQEDFTITYGELARVDQRFNYPGIEENFCKYMSLRVD
;
_entity_poly.pdbx_strand_id   A,B,C,D
#
loop_
_chem_comp.id
_chem_comp.type
_chem_comp.name
_chem_comp.formula
EDO non-polymer 1,2-ETHANEDIOL 'C2 H6 O2'
IOD non-polymer 'IODIDE ION' 'I -1'
SO4 non-polymer 'SULFATE ION' 'O4 S -2'
#
# COMPACT_ATOMS: atom_id res chain seq x y z
N LYS A 2 27.40 9.92 25.21
CA LYS A 2 26.44 8.86 24.98
C LYS A 2 26.52 7.78 26.06
N TRP A 3 25.37 7.49 26.67
CA TRP A 3 25.33 6.59 27.81
C TRP A 3 25.65 5.18 27.34
N THR A 4 26.48 4.48 28.12
CA THR A 4 26.86 3.11 27.80
C THR A 4 26.79 2.27 29.07
N ARG A 5 26.41 1.00 28.93
CA ARG A 5 26.39 0.09 30.07
C ARG A 5 27.81 -0.39 30.34
N SER A 6 28.24 -0.32 31.60
CA SER A 6 29.61 -0.73 31.95
C SER A 6 29.81 -2.22 31.75
N VAL A 7 30.97 -2.60 31.20
CA VAL A 7 31.28 -4.00 30.91
C VAL A 7 31.51 -4.80 32.19
N LYS A 8 31.64 -4.11 33.31
CA LYS A 8 31.91 -4.76 34.58
C LYS A 8 30.65 -5.32 35.24
N VAL A 9 29.48 -4.83 34.82
CA VAL A 9 28.21 -5.42 35.23
C VAL A 9 28.09 -6.79 34.59
N PRO A 10 27.84 -7.84 35.39
CA PRO A 10 27.80 -9.19 34.80
C PRO A 10 26.79 -9.29 33.66
N PHE A 11 27.16 -10.02 32.60
CA PHE A 11 26.30 -10.15 31.44
C PHE A 11 26.47 -11.52 30.81
N PRO A 12 25.36 -12.22 30.55
CA PRO A 12 23.98 -11.84 30.95
C PRO A 12 23.69 -12.08 32.43
N SER A 13 23.01 -11.13 33.06
CA SER A 13 22.62 -11.24 34.46
C SER A 13 21.16 -11.62 34.57
N VAL A 14 20.83 -12.36 35.62
CA VAL A 14 19.44 -12.59 35.96
C VAL A 14 19.00 -11.53 36.95
N TRP A 15 17.95 -10.79 36.60
CA TRP A 15 17.55 -9.66 37.43
C TRP A 15 16.41 -9.94 38.39
N HIS A 16 15.52 -10.85 38.02
CA HIS A 16 14.29 -11.07 38.78
C HIS A 16 13.79 -12.50 38.60
N ARG A 17 13.22 -13.07 39.65
CA ARG A 17 12.60 -14.40 39.57
C ARG A 17 11.24 -14.35 40.24
N PHE A 18 10.29 -15.13 39.73
CA PHE A 18 8.95 -15.10 40.28
C PHE A 18 8.21 -16.37 39.94
N GLN A 19 7.15 -16.66 40.68
CA GLN A 19 6.30 -17.80 40.39
C GLN A 19 4.98 -17.38 39.74
N ALA A 20 4.53 -18.18 38.78
CA ALA A 20 3.27 -17.95 38.10
C ALA A 20 2.76 -19.27 37.56
N LYS A 21 1.52 -19.25 37.07
CA LYS A 21 0.89 -20.47 36.57
C LYS A 21 1.69 -21.02 35.40
N ASP A 22 1.83 -22.34 35.37
CA ASP A 22 2.55 -22.99 34.28
C ASP A 22 1.67 -22.97 33.03
N LEU A 23 2.19 -23.48 31.92
CA LEU A 23 1.44 -23.51 30.66
C LEU A 23 0.05 -24.13 30.75
N THR A 24 -0.05 -25.27 31.42
CA THR A 24 -1.27 -26.07 31.41
C THR A 24 -2.07 -26.08 32.72
N SER A 25 -1.44 -26.55 33.79
CA SER A 25 -2.13 -26.95 35.02
C SER A 25 -2.56 -25.82 35.95
N GLN A 26 -2.88 -26.22 37.19
CA GLN A 26 -3.10 -25.25 38.25
C GLN A 26 -1.77 -24.98 38.94
N GLN A 27 -0.74 -25.70 38.50
CA GLN A 27 0.57 -25.65 39.15
C GLN A 27 1.38 -24.39 38.82
N LEU A 28 1.96 -23.83 39.87
CA LEU A 28 2.96 -22.78 39.73
C LEU A 28 4.24 -23.35 39.16
N VAL A 29 5.02 -22.49 38.54
CA VAL A 29 6.33 -22.85 38.07
C VAL A 29 7.16 -21.58 38.23
N TRP A 30 8.47 -21.67 38.08
CA TRP A 30 9.31 -20.51 38.23
C TRP A 30 9.65 -19.92 36.88
N TYR A 31 9.74 -18.59 36.82
CA TYR A 31 10.18 -17.89 35.64
C TYR A 31 11.32 -16.97 36.05
N ARG A 32 12.09 -16.48 35.08
CA ARG A 32 13.08 -15.46 35.37
C ARG A 32 13.02 -14.37 34.30
N VAL A 33 13.49 -13.19 34.69
CA VAL A 33 13.70 -12.08 33.76
C VAL A 33 15.20 -11.75 33.80
N GLN A 34 15.82 -11.71 32.63
CA GLN A 34 17.27 -11.54 32.56
C GLN A 34 17.70 -10.74 31.34
N ASP A 35 18.98 -10.35 31.31
CA ASP A 35 19.57 -9.75 30.13
C ASP A 35 19.32 -10.67 28.93
N LEU A 36 18.97 -10.07 27.79
CA LEU A 36 18.76 -10.83 26.57
C LEU A 36 20.11 -11.22 25.97
N PRO A 37 20.42 -12.52 25.91
CA PRO A 37 21.71 -12.96 25.36
C PRO A 37 21.83 -12.59 23.89
N GLU A 38 23.04 -12.27 23.44
CA GLU A 38 23.23 -11.87 22.05
C GLU A 38 22.70 -12.92 21.06
N ASP A 39 22.94 -14.20 21.37
CA ASP A 39 22.55 -15.27 20.43
C ASP A 39 21.04 -15.52 20.43
N ARG A 40 20.29 -14.72 21.17
CA ARG A 40 18.83 -14.76 21.09
C ARG A 40 18.25 -13.47 20.49
N PHE A 41 19.11 -12.57 20.05
CA PHE A 41 18.64 -11.30 19.47
C PHE A 41 17.58 -11.52 18.38
N GLU A 42 17.89 -12.37 17.39
CA GLU A 42 16.92 -12.52 16.30
C GLU A 42 15.65 -13.17 16.82
N ASP A 43 15.79 -14.13 17.76
CA ASP A 43 14.61 -14.79 18.28
C ASP A 43 13.71 -13.72 18.89
N ALA A 44 14.34 -12.80 19.63
CA ALA A 44 13.60 -11.72 20.28
C ALA A 44 12.88 -10.88 19.24
N ILE A 45 13.61 -10.53 18.17
CA ILE A 45 13.05 -9.72 17.11
C ILE A 45 11.83 -10.45 16.56
N ARG A 46 11.96 -11.75 16.32
CA ARG A 46 10.86 -12.49 15.75
C ARG A 46 9.68 -12.53 16.71
N HIS A 47 9.97 -12.67 17.99
CA HIS A 47 8.92 -12.70 18.99
C HIS A 47 8.20 -11.35 18.93
N MET A 48 8.97 -10.27 18.84
CA MET A 48 8.36 -8.94 18.79
C MET A 48 7.46 -8.83 17.55
N CYS A 49 7.92 -9.38 16.43
CA CYS A 49 7.14 -9.27 15.21
C CYS A 49 5.91 -10.15 15.27
N ASP A 50 5.99 -11.26 16.00
CA ASP A 50 4.92 -12.25 15.92
C ASP A 50 3.78 -11.84 16.80
N TYR A 51 4.11 -11.14 17.87
CA TYR A 51 3.13 -10.85 18.89
C TYR A 51 2.90 -9.35 19.10
N PHE A 52 3.90 -8.64 19.60
CA PHE A 52 3.77 -7.22 19.86
C PHE A 52 3.25 -6.43 18.65
N ALA A 53 3.86 -6.66 17.49
CA ALA A 53 3.45 -5.98 16.26
C ALA A 53 2.00 -6.27 15.91
N ARG A 54 1.53 -7.47 16.26
CA ARG A 54 0.18 -7.85 15.93
C ARG A 54 -0.85 -7.37 16.95
N ASP A 55 -0.47 -7.37 18.23
CA ASP A 55 -1.45 -7.25 19.31
C ASP A 55 -1.53 -5.89 20.02
N GLU A 56 -0.45 -5.12 20.04
CA GLU A 56 -0.45 -3.85 20.77
C GLU A 56 -1.39 -2.85 20.09
N LEU A 57 -2.11 -2.05 20.90
CA LEU A 57 -3.19 -1.20 20.39
C LEU A 57 -2.87 -0.27 19.22
N MET A 58 -1.81 0.53 19.33
CA MET A 58 -1.46 1.46 18.25
C MET A 58 -1.11 0.72 16.94
N ASN A 59 -0.33 -0.35 17.07
CA ASN A 59 0.06 -1.13 15.90
C ASN A 59 -1.15 -1.71 15.21
N GLN A 60 -2.04 -2.31 15.98
CA GLN A 60 -3.26 -2.90 15.45
C GLN A 60 -4.13 -1.86 14.78
N ALA A 61 -4.24 -0.68 15.39
CA ALA A 61 -5.08 0.38 14.82
C ALA A 61 -4.49 0.89 13.50
N LYS A 62 -3.18 0.82 13.37
CA LYS A 62 -2.54 1.26 12.13
C LYS A 62 -2.36 0.12 11.10
N GLY A 63 -2.66 -1.11 11.50
CA GLY A 63 -2.48 -2.24 10.59
C GLY A 63 -1.02 -2.57 10.37
N LEU A 64 -0.17 -2.17 11.30
CA LEU A 64 1.25 -2.38 11.19
C LEU A 64 1.73 -3.80 10.81
N ALA A 65 1.14 -4.84 11.37
CA ALA A 65 1.68 -6.17 11.18
C ALA A 65 1.52 -6.74 9.75
N LYS A 66 0.65 -6.13 8.96
CA LYS A 66 0.44 -6.57 7.58
C LYS A 66 1.23 -5.69 6.63
N ASP A 67 1.76 -4.58 7.15
CA ASP A 67 2.51 -3.66 6.31
C ASP A 67 4.01 -3.88 6.36
N LEU A 68 4.60 -4.32 5.24
CA LEU A 68 6.02 -4.68 5.26
C LEU A 68 6.97 -3.49 5.48
N VAL A 69 6.62 -2.32 4.95
CA VAL A 69 7.50 -1.15 5.11
C VAL A 69 7.50 -0.71 6.58
N ALA A 70 6.33 -0.68 7.19
CA ALA A 70 6.25 -0.29 8.61
C ALA A 70 6.95 -1.30 9.53
N MET A 71 6.76 -2.58 9.24
CA MET A 71 7.51 -3.63 9.96
C MET A 71 9.01 -3.44 9.81
N GLY A 72 9.45 -3.08 8.59
CA GLY A 72 10.85 -2.83 8.35
C GLY A 72 11.36 -1.67 9.20
N ASP A 73 10.52 -0.65 9.38
CA ASP A 73 10.87 0.47 10.25
C ASP A 73 11.09 0.01 11.69
N VAL A 74 10.07 -0.62 12.27
CA VAL A 74 10.21 -0.95 13.68
C VAL A 74 11.36 -1.94 13.92
N VAL A 75 11.53 -2.89 13.01
CA VAL A 75 12.64 -3.82 13.14
C VAL A 75 14.00 -3.13 13.03
N ALA A 76 14.13 -2.18 12.10
CA ALA A 76 15.36 -1.41 12.01
C ALA A 76 15.67 -0.74 13.35
N LEU A 77 14.63 -0.12 13.94
CA LEU A 77 14.77 0.53 15.26
C LEU A 77 15.23 -0.41 16.38
N TRP A 78 14.50 -1.51 16.56
CA TRP A 78 14.85 -2.52 17.56
C TRP A 78 16.28 -3.00 17.38
N LYS A 79 16.66 -3.29 16.13
CA LYS A 79 18.00 -3.78 15.83
C LYS A 79 19.06 -2.75 16.18
N ALA A 80 18.76 -1.47 16.01
CA ALA A 80 19.69 -0.42 16.46
C ALA A 80 19.80 -0.38 17.98
N MET A 81 18.72 -0.73 18.67
CA MET A 81 18.71 -0.66 20.15
C MET A 81 19.41 -1.83 20.86
N LEU A 82 19.28 -3.04 20.32
CA LEU A 82 19.77 -4.25 21.00
C LEU A 82 21.23 -4.23 21.48
N PRO A 83 22.15 -3.67 20.67
CA PRO A 83 23.57 -3.67 21.11
C PRO A 83 23.84 -2.86 22.36
N ASP A 84 22.87 -2.09 22.86
CA ASP A 84 23.08 -1.34 24.09
C ASP A 84 23.09 -2.31 25.27
N ARG A 85 22.66 -3.55 25.04
CA ARG A 85 22.68 -4.59 26.08
C ARG A 85 21.84 -4.19 27.29
N MET A 86 20.65 -3.69 27.01
CA MET A 86 19.76 -3.31 28.09
C MET A 86 18.43 -4.02 27.98
N SER A 87 18.22 -4.78 26.91
CA SER A 87 16.91 -5.39 26.70
C SER A 87 16.67 -6.62 27.57
N LEU A 88 15.41 -6.81 27.97
CA LEU A 88 15.09 -7.85 28.95
C LEU A 88 14.23 -8.97 28.39
N VAL A 89 14.46 -10.20 28.86
CA VAL A 89 13.73 -11.36 28.33
C VAL A 89 13.26 -12.24 29.48
N CYS A 90 12.09 -12.86 29.31
CA CYS A 90 11.55 -13.76 30.33
C CYS A 90 11.59 -15.21 29.83
N PHE A 91 12.08 -16.08 30.69
CA PHE A 91 12.06 -17.53 30.40
C PHE A 91 11.37 -18.26 31.52
N ARG A 92 10.71 -19.36 31.17
CA ARG A 92 10.21 -20.30 32.15
C ARG A 92 11.32 -21.31 32.46
N GLU A 93 11.58 -21.58 33.73
CA GLU A 93 12.59 -22.55 34.13
C GLU A 93 12.28 -23.90 33.49
N GLY A 94 13.24 -24.43 32.74
CA GLY A 94 13.07 -25.70 32.08
C GLY A 94 12.98 -25.56 30.56
N SER A 95 12.89 -24.32 30.08
CA SER A 95 12.65 -24.09 28.66
C SER A 95 13.39 -22.88 28.11
N ASP A 96 13.94 -23.02 26.90
CA ASP A 96 14.71 -21.94 26.31
C ASP A 96 13.84 -21.03 25.46
N GLU A 97 12.54 -21.30 25.47
CA GLU A 97 11.60 -20.57 24.64
C GLU A 97 11.30 -19.19 25.23
N ILE A 98 11.29 -18.16 24.38
CA ILE A 98 11.01 -16.81 24.86
C ILE A 98 9.56 -16.67 25.34
N VAL A 99 9.37 -16.27 26.59
CA VAL A 99 8.03 -16.04 27.11
C VAL A 99 7.59 -14.61 26.81
N GLY A 100 8.44 -13.66 27.15
CA GLY A 100 8.21 -12.27 26.83
C GLY A 100 9.52 -11.55 26.60
N VAL A 101 9.46 -10.38 25.99
CA VAL A 101 10.65 -9.57 25.76
C VAL A 101 10.29 -8.08 25.84
N ASN A 102 11.24 -7.26 26.28
CA ASN A 102 11.04 -5.82 26.40
C ASN A 102 12.30 -5.22 25.80
N ILE A 103 12.17 -4.57 24.65
CA ILE A 103 13.31 -3.92 24.02
C ILE A 103 13.53 -2.55 24.64
N LEU A 104 14.69 -2.35 25.26
CA LEU A 104 14.92 -1.17 26.05
C LEU A 104 16.17 -0.43 25.57
N ASP A 105 16.19 0.89 25.79
CA ASP A 105 17.46 1.62 25.68
C ASP A 105 17.47 2.79 26.63
N VAL A 106 18.51 3.62 26.59
CA VAL A 106 18.56 4.76 27.50
C VAL A 106 18.29 6.06 26.76
N ALA A 107 17.30 6.81 27.25
CA ALA A 107 16.99 8.13 26.72
C ALA A 107 17.89 9.13 27.44
N SER A 108 18.44 10.09 26.69
CA SER A 108 19.34 11.07 27.26
C SER A 108 18.90 12.45 26.84
N ARG A 109 19.21 13.44 27.68
CA ARG A 109 18.73 14.80 27.53
C ARG A 109 19.13 15.37 26.17
N SER A 110 20.31 14.99 25.69
CA SER A 110 20.82 15.57 24.46
C SER A 110 20.22 14.95 23.21
N ASP A 111 19.49 13.84 23.35
CA ASP A 111 18.87 13.17 22.19
C ASP A 111 17.91 14.09 21.44
N LYS A 112 18.05 14.18 20.14
CA LYS A 112 17.14 14.96 19.35
C LYS A 112 15.85 14.21 19.08
N ASP A 113 15.90 12.88 19.08
CA ASP A 113 14.75 12.04 18.70
C ASP A 113 14.04 12.59 17.48
N ASN A 114 14.78 12.70 16.38
CA ASN A 114 14.21 13.18 15.14
C ASN A 114 14.28 12.08 14.09
N ALA A 115 14.16 10.84 14.57
CA ALA A 115 14.31 9.69 13.69
C ALA A 115 13.33 9.74 12.52
N GLN A 116 13.82 9.28 11.37
CA GLN A 116 13.04 9.27 10.14
C GLN A 116 12.87 7.87 9.61
N PHE A 117 11.64 7.56 9.21
CA PHE A 117 11.28 6.20 8.83
C PHE A 117 10.68 6.21 7.43
N ASN A 118 10.58 5.04 6.83
CA ASN A 118 10.09 4.90 5.47
C ASN A 118 8.58 4.97 5.39
N SER A 119 7.92 4.42 6.40
CA SER A 119 6.46 4.30 6.37
C SER A 119 5.77 5.45 7.06
N ALA A 120 4.72 5.99 6.45
CA ALA A 120 3.88 6.97 7.11
C ALA A 120 3.41 6.42 8.44
N ILE A 121 3.06 5.14 8.43
CA ILE A 121 2.52 4.42 9.59
C ILE A 121 3.47 4.47 10.80
N PHE A 122 4.70 3.98 10.63
CA PHE A 122 5.58 4.01 11.81
C PHE A 122 6.07 5.41 12.13
N GLN A 123 6.17 6.27 11.12
CA GLN A 123 6.59 7.64 11.42
C GLN A 123 5.56 8.28 12.34
N ALA A 124 4.28 8.00 12.07
CA ALA A 124 3.21 8.49 12.92
C ALA A 124 3.27 7.90 14.31
N ILE A 125 3.52 6.60 14.40
CA ILE A 125 3.59 6.00 15.75
C ILE A 125 4.74 6.59 16.56
N TYR A 126 5.92 6.58 15.96
CA TYR A 126 7.11 7.18 16.53
C TYR A 126 6.90 8.63 16.99
N ASP A 127 6.39 9.47 16.09
CA ASP A 127 6.15 10.87 16.40
C ASP A 127 5.06 11.04 17.47
N THR A 128 4.10 10.12 17.52
CA THR A 128 3.08 10.19 18.57
C THR A 128 3.69 9.96 19.94
N ILE A 129 4.44 8.87 20.07
CA ILE A 129 5.13 8.58 21.32
C ILE A 129 6.04 9.74 21.67
N GLU A 130 6.77 10.25 20.68
CA GLU A 130 7.71 11.33 20.95
C GLU A 130 7.01 12.60 21.47
N TYR A 131 5.85 12.92 20.89
CA TYR A 131 5.05 14.04 21.38
C TYR A 131 4.67 13.80 22.85
N VAL A 132 4.19 12.60 23.14
CA VAL A 132 3.76 12.28 24.50
C VAL A 132 4.95 12.37 25.49
N SER A 133 6.10 11.90 25.03
CA SER A 133 7.33 11.93 25.83
C SER A 133 7.74 13.37 26.11
N HIS A 134 7.59 14.22 25.10
CA HIS A 134 8.02 15.61 25.26
C HIS A 134 7.10 16.33 26.25
N GLN A 135 5.80 16.08 26.14
CA GLN A 135 4.85 16.60 27.14
C GLN A 135 5.16 16.08 28.55
N ALA A 136 5.67 14.84 28.64
CA ALA A 136 6.04 14.27 29.93
C ALA A 136 7.20 15.01 30.62
N ASN A 137 8.11 15.56 29.82
CA ASN A 137 9.12 16.49 30.34
C ASN A 137 9.99 15.85 31.44
N ILE A 138 10.36 14.59 31.23
CA ILE A 138 11.03 13.77 32.24
C ILE A 138 12.35 14.36 32.79
N PHE A 139 13.20 14.88 31.92
CA PHE A 139 14.54 15.31 32.34
C PHE A 139 14.47 16.50 33.27
N ASP A 140 13.68 17.50 32.91
CA ASP A 140 13.54 18.67 33.77
C ASP A 140 12.72 18.38 35.03
N ARG A 141 11.67 17.56 34.90
CA ARG A 141 10.84 17.24 36.05
C ARG A 141 11.60 16.50 37.13
N TYR A 142 12.50 15.61 36.73
CA TYR A 142 13.28 14.87 37.71
C TYR A 142 14.72 15.36 37.88
N ASN A 143 15.12 16.35 37.10
CA ASN A 143 16.49 16.86 37.11
C ASN A 143 17.47 15.71 36.90
N VAL A 144 17.23 14.95 35.83
CA VAL A 144 18.14 13.90 35.43
C VAL A 144 18.52 14.09 33.96
N ASP A 145 19.63 13.48 33.57
CA ASP A 145 20.08 13.52 32.20
C ASP A 145 19.78 12.23 31.45
N HIS A 146 19.44 11.18 32.17
CA HIS A 146 19.16 9.89 31.54
C HIS A 146 17.98 9.17 32.17
N TYR A 147 17.30 8.34 31.38
CA TYR A 147 16.34 7.37 31.94
C TYR A 147 16.16 6.14 31.06
N LEU A 148 15.81 5.02 31.68
CA LEU A 148 15.59 3.78 30.95
C LEU A 148 14.24 3.83 30.24
N ASN A 149 14.27 3.75 28.91
CA ASN A 149 13.08 3.81 28.07
C ASN A 149 12.91 2.49 27.35
N ALA A 150 11.80 2.37 26.62
CA ALA A 150 11.44 1.12 25.95
C ALA A 150 10.77 1.37 24.62
N MET A 151 10.84 0.38 23.74
CA MET A 151 10.10 0.40 22.48
C MET A 151 9.40 -0.95 22.32
N GLY A 152 8.52 -1.28 23.26
CA GLY A 152 7.67 -2.44 23.11
C GLY A 152 7.93 -3.56 24.10
N LEU A 153 6.84 -4.05 24.71
CA LEU A 153 6.88 -5.26 25.54
C LEU A 153 5.94 -6.28 24.92
N SER A 154 6.49 -7.43 24.56
CA SER A 154 5.75 -8.52 23.92
C SER A 154 5.65 -9.69 24.87
N VAL A 155 4.45 -10.27 24.98
CA VAL A 155 4.29 -11.51 25.75
C VAL A 155 3.56 -12.52 24.88
N ASP A 156 4.06 -13.77 24.85
CA ASP A 156 3.42 -14.81 24.07
C ASP A 156 2.04 -15.04 24.66
N PRO A 157 1.00 -14.94 23.81
CA PRO A 157 -0.40 -15.14 24.17
C PRO A 157 -0.66 -16.39 25.00
N LYS A 158 0.09 -17.46 24.78
CA LYS A 158 -0.19 -18.68 25.56
C LYS A 158 0.34 -18.60 26.99
N TYR A 159 0.94 -17.45 27.33
CA TYR A 159 1.38 -17.16 28.69
C TYR A 159 0.69 -15.95 29.29
N ARG A 160 -0.30 -15.39 28.61
CA ARG A 160 -0.92 -14.19 29.17
C ARG A 160 -1.82 -14.53 30.36
N GLY A 161 -2.16 -13.49 31.13
CA GLY A 161 -3.00 -13.65 32.31
C GLY A 161 -2.23 -14.15 33.52
N ARG A 162 -0.91 -14.14 33.41
CA ARG A 162 -0.06 -14.72 34.45
C ARG A 162 0.77 -13.66 35.17
N GLY A 163 0.60 -12.40 34.78
CA GLY A 163 1.34 -11.32 35.42
C GLY A 163 2.73 -11.15 34.88
N ILE A 164 3.02 -11.80 33.74
CA ILE A 164 4.38 -11.78 33.18
C ILE A 164 4.84 -10.37 32.77
N ALA A 165 3.93 -9.57 32.22
CA ALA A 165 4.29 -8.20 31.82
C ALA A 165 4.71 -7.37 33.03
N THR A 166 3.91 -7.46 34.08
CA THR A 166 4.22 -6.81 35.34
C THR A 166 5.63 -7.19 35.81
N GLU A 167 5.91 -8.48 35.90
CA GLU A 167 7.22 -8.89 36.40
C GLU A 167 8.41 -8.49 35.51
N ILE A 168 8.18 -8.45 34.19
CA ILE A 168 9.23 -8.00 33.28
C ILE A 168 9.52 -6.53 33.54
N LEU A 169 8.47 -5.72 33.76
CA LEU A 169 8.70 -4.34 34.16
C LEU A 169 9.36 -4.22 35.52
N ARG A 170 9.03 -5.13 36.44
CA ARG A 170 9.56 -5.01 37.78
C ARG A 170 11.06 -5.22 37.75
N ALA A 171 11.51 -6.05 36.80
CA ALA A 171 12.96 -6.26 36.61
C ALA A 171 13.79 -5.01 36.27
N ARG A 172 13.13 -3.91 35.94
CA ARG A 172 13.84 -2.68 35.62
C ARG A 172 14.52 -2.10 36.86
N ILE A 173 13.95 -2.44 38.01
CA ILE A 173 14.43 -1.91 39.27
C ILE A 173 15.86 -2.37 39.57
N PRO A 174 16.12 -3.70 39.63
CA PRO A 174 17.52 -4.06 39.86
C PRO A 174 18.43 -3.71 38.67
N LEU A 175 17.93 -3.77 37.44
CA LEU A 175 18.75 -3.42 36.27
C LEU A 175 19.24 -1.98 36.36
N CYS A 176 18.35 -1.06 36.72
CA CYS A 176 18.72 0.35 36.83
C CYS A 176 19.70 0.58 37.97
N ARG A 177 19.49 -0.13 39.08
CA ARG A 177 20.37 0.05 40.21
C ARG A 177 21.77 -0.39 39.81
N ALA A 178 21.84 -1.45 39.02
CA ALA A 178 23.11 -2.03 38.61
C ALA A 178 23.91 -1.12 37.67
N VAL A 179 23.22 -0.48 36.73
CA VAL A 179 23.89 0.36 35.74
C VAL A 179 23.93 1.83 36.12
N GLY A 180 23.34 2.18 37.26
CA GLY A 180 23.41 3.51 37.82
C GLY A 180 22.40 4.52 37.29
N LEU A 181 21.25 4.03 36.83
CA LEU A 181 20.18 4.93 36.42
C LEU A 181 19.21 5.11 37.55
N LYS A 182 18.65 6.31 37.68
CA LYS A 182 17.74 6.61 38.80
C LYS A 182 16.28 6.38 38.43
N LEU A 183 16.00 6.32 37.13
CA LEU A 183 14.64 6.46 36.66
C LEU A 183 14.40 5.66 35.41
N SER A 184 13.21 5.06 35.32
CA SER A 184 12.72 4.56 34.03
C SER A 184 11.45 5.31 33.71
N ALA A 185 11.22 5.61 32.44
CA ALA A 185 9.93 6.17 32.00
C ALA A 185 9.60 5.59 30.64
N THR A 186 8.32 5.47 30.35
CA THR A 186 7.93 4.79 29.13
C THR A 186 6.54 5.25 28.73
N CYS A 187 6.26 5.23 27.44
CA CYS A 187 4.89 5.45 26.98
C CYS A 187 4.18 4.11 26.95
N PHE A 188 3.22 3.93 27.87
CA PHE A 188 2.38 2.75 27.90
C PHE A 188 1.09 3.04 27.13
N THR A 189 0.84 2.22 26.12
CA THR A 189 -0.09 2.59 25.07
C THR A 189 -1.47 1.98 25.23
N GLY A 190 -1.56 0.91 26.00
CA GLY A 190 -2.83 0.22 26.20
C GLY A 190 -3.17 -0.02 27.65
N PRO A 191 -4.39 -0.51 27.91
CA PRO A 191 -4.96 -0.58 29.26
C PRO A 191 -4.23 -1.55 30.19
N ASN A 192 -3.94 -2.76 29.70
CA ASN A 192 -3.26 -3.74 30.54
C ASN A 192 -1.79 -3.42 30.79
N SER A 193 -1.09 -2.86 29.80
CA SER A 193 0.30 -2.44 29.99
C SER A 193 0.38 -1.31 31.02
N GLN A 194 -0.60 -0.40 30.97
CA GLN A 194 -0.73 0.65 31.98
C GLN A 194 -1.01 0.06 33.37
N THR A 195 -1.87 -0.95 33.42
CA THR A 195 -2.17 -1.67 34.66
C THR A 195 -0.90 -2.29 35.27
N ALA A 196 -0.11 -2.92 34.40
CA ALA A 196 1.12 -3.59 34.79
C ALA A 196 2.11 -2.58 35.36
N ALA A 197 2.27 -1.47 34.64
CA ALA A 197 3.18 -0.44 35.08
C ALA A 197 2.73 0.12 36.42
N THR A 198 1.42 0.29 36.59
CA THR A 198 0.88 0.80 37.84
C THR A 198 1.23 -0.14 38.99
N ARG A 199 0.99 -1.44 38.77
CA ARG A 199 1.29 -2.42 39.80
C ARG A 199 2.78 -2.47 40.21
N VAL A 200 3.66 -2.15 39.27
CA VAL A 200 5.09 -2.03 39.61
C VAL A 200 5.43 -0.75 40.42
N GLY A 201 4.56 0.24 40.34
CA GLY A 201 4.82 1.50 41.01
C GLY A 201 5.16 2.67 40.11
N PHE A 202 4.94 2.55 38.80
CA PHE A 202 5.06 3.69 37.90
C PHE A 202 3.95 4.69 38.20
N GLN A 203 4.26 5.98 38.05
CA GLN A 203 3.29 7.05 38.21
C GLN A 203 2.96 7.68 36.87
N GLU A 204 1.73 8.18 36.73
CA GLU A 204 1.33 8.83 35.48
C GLU A 204 1.94 10.22 35.36
N ASP A 205 2.71 10.44 34.29
CA ASP A 205 3.32 11.75 34.03
C ASP A 205 2.37 12.54 33.16
N PHE A 206 1.89 11.88 32.12
CA PHE A 206 1.07 12.60 31.16
C PHE A 206 0.10 11.62 30.55
N THR A 207 -1.13 12.05 30.34
CA THR A 207 -2.10 11.15 29.75
C THR A 207 -2.93 11.88 28.71
N ILE A 208 -3.26 11.19 27.63
CA ILE A 208 -3.98 11.84 26.54
C ILE A 208 -4.62 10.77 25.64
N THR A 209 -5.86 10.96 25.20
CA THR A 209 -6.49 9.92 24.38
C THR A 209 -5.95 9.98 22.96
N TYR A 210 -6.11 8.88 22.23
CA TYR A 210 -5.77 8.88 20.81
C TYR A 210 -6.67 9.85 20.02
N GLY A 211 -7.93 9.98 20.43
CA GLY A 211 -8.80 11.01 19.86
C GLY A 211 -8.20 12.41 19.98
N GLU A 212 -7.74 12.72 21.18
CA GLU A 212 -7.16 14.04 21.44
C GLU A 212 -5.85 14.21 20.68
N LEU A 213 -5.06 13.15 20.60
CA LEU A 213 -3.81 13.20 19.83
C LEU A 213 -4.09 13.54 18.38
N ALA A 214 -5.18 12.99 17.86
CA ALA A 214 -5.56 13.28 16.48
C ALA A 214 -5.97 14.74 16.36
N ARG A 215 -6.54 15.31 17.42
CA ARG A 215 -6.77 16.76 17.42
C ARG A 215 -5.49 17.59 17.52
N VAL A 216 -4.44 17.03 18.12
CA VAL A 216 -3.14 17.69 18.18
C VAL A 216 -2.45 17.70 16.82
N ASP A 217 -2.46 16.55 16.14
CA ASP A 217 -1.87 16.38 14.82
C ASP A 217 -2.68 15.30 14.09
N GLN A 218 -3.17 15.67 12.90
CA GLN A 218 -3.87 14.78 11.95
C GLN A 218 -3.22 13.42 11.72
N ARG A 219 -1.89 13.37 11.77
CA ARG A 219 -1.19 12.11 11.49
C ARG A 219 -1.40 11.12 12.62
N PHE A 220 -1.73 11.65 13.80
CA PHE A 220 -1.83 10.83 15.00
C PHE A 220 -3.23 10.25 15.13
N ASN A 221 -3.68 9.58 14.08
CA ASN A 221 -5.03 9.03 14.00
C ASN A 221 -5.00 7.51 14.17
N TYR A 222 -5.81 6.99 15.08
CA TYR A 222 -5.78 5.58 15.45
C TYR A 222 -7.17 4.99 15.47
N PRO A 223 -7.62 4.53 14.28
CA PRO A 223 -8.98 4.03 14.08
C PRO A 223 -9.35 2.96 15.11
N GLY A 224 -10.37 3.23 15.90
CA GLY A 224 -10.95 2.22 16.74
C GLY A 224 -10.52 2.25 18.20
N ILE A 225 -9.51 3.06 18.49
CA ILE A 225 -9.02 3.19 19.87
C ILE A 225 -9.01 4.65 20.29
N GLU A 226 -9.86 5.45 19.66
CA GLU A 226 -9.86 6.90 19.87
C GLU A 226 -10.13 7.32 21.32
N GLU A 227 -10.93 6.54 22.05
CA GLU A 227 -11.20 6.87 23.45
C GLU A 227 -10.22 6.27 24.46
N ASN A 228 -9.32 5.41 24.00
CA ASN A 228 -8.32 4.85 24.90
C ASN A 228 -7.26 5.88 25.26
N PHE A 229 -6.63 5.71 26.41
CA PHE A 229 -5.58 6.63 26.84
C PHE A 229 -4.18 6.16 26.46
N CYS A 230 -3.32 7.11 26.13
CA CYS A 230 -1.89 6.91 25.90
C CYS A 230 -1.23 7.59 27.08
N LYS A 231 -0.47 6.84 27.87
CA LYS A 231 0.07 7.41 29.11
C LYS A 231 1.59 7.32 29.20
N TYR A 232 2.25 8.43 29.48
CA TYR A 232 3.67 8.41 29.79
C TYR A 232 3.75 8.24 31.31
N MET A 233 4.48 7.22 31.74
CA MET A 233 4.57 6.85 33.17
C MET A 233 6.03 6.68 33.59
N SER A 234 6.31 7.03 34.85
CA SER A 234 7.69 7.02 35.35
C SER A 234 7.88 6.30 36.70
N LEU A 235 9.06 5.74 36.89
CA LEU A 235 9.37 4.98 38.09
C LEU A 235 10.76 5.33 38.60
N ARG A 236 10.83 5.89 39.80
CA ARG A 236 12.11 6.11 40.46
C ARG A 236 12.55 4.84 41.15
N VAL A 237 13.78 4.43 40.87
CA VAL A 237 14.30 3.21 41.43
C VAL A 237 15.23 3.60 42.56
N ASP A 238 15.94 2.66 43.13
CA ASP A 238 16.86 2.99 44.19
C ASP A 238 16.15 3.71 45.33
N LYS B 2 -3.82 -13.75 -16.52
CA LYS B 2 -2.70 -13.97 -15.63
C LYS B 2 -2.61 -15.43 -15.19
N TRP B 3 -1.44 -16.04 -15.33
CA TRP B 3 -1.28 -17.46 -14.99
C TRP B 3 -1.63 -17.69 -13.53
N THR B 4 -2.47 -18.69 -13.29
CA THR B 4 -2.90 -19.03 -11.93
C THR B 4 -3.03 -20.52 -11.80
N ARG B 5 -2.64 -21.05 -10.65
CA ARG B 5 -2.76 -22.47 -10.38
C ARG B 5 -4.23 -22.82 -10.19
N SER B 6 -4.71 -23.78 -10.97
CA SER B 6 -6.08 -24.25 -10.86
C SER B 6 -6.36 -24.79 -9.47
N VAL B 7 -7.53 -24.44 -8.92
CA VAL B 7 -7.93 -24.97 -7.64
C VAL B 7 -8.17 -26.47 -7.77
N LYS B 8 -8.42 -26.95 -8.99
CA LYS B 8 -8.67 -28.38 -9.19
C LYS B 8 -7.44 -29.24 -8.90
N VAL B 9 -6.26 -28.63 -8.82
CA VAL B 9 -5.07 -29.38 -8.43
C VAL B 9 -4.99 -29.45 -6.92
N PRO B 10 -4.95 -30.68 -6.35
CA PRO B 10 -5.06 -30.79 -4.89
C PRO B 10 -3.93 -30.03 -4.20
N PHE B 11 -4.23 -29.52 -3.01
CA PHE B 11 -3.30 -28.67 -2.29
C PHE B 11 -3.52 -28.81 -0.80
N PRO B 12 -2.44 -29.03 -0.03
CA PRO B 12 -1.06 -29.25 -0.49
C PRO B 12 -0.81 -30.70 -0.88
N SER B 13 -0.27 -30.92 -2.08
CA SER B 13 0.07 -32.25 -2.55
C SER B 13 1.51 -32.60 -2.21
N VAL B 14 1.76 -33.88 -1.92
CA VAL B 14 3.13 -34.40 -1.90
C VAL B 14 3.55 -34.80 -3.31
N TRP B 15 4.68 -34.30 -3.77
CA TRP B 15 5.10 -34.53 -5.15
C TRP B 15 6.19 -35.60 -5.31
N HIS B 16 6.99 -35.79 -4.27
CA HIS B 16 8.16 -36.63 -4.40
C HIS B 16 8.58 -37.12 -3.03
N ARG B 17 9.03 -38.38 -2.98
CA ARG B 17 9.52 -38.98 -1.73
C ARG B 17 10.87 -39.65 -2.02
N PHE B 18 11.80 -39.53 -1.07
CA PHE B 18 13.13 -40.08 -1.29
C PHE B 18 13.79 -40.43 0.04
N GLN B 19 14.83 -41.23 -0.03
CA GLN B 19 15.59 -41.58 1.17
C GLN B 19 16.96 -40.91 1.16
N ALA B 20 17.36 -40.48 2.35
CA ALA B 20 18.64 -39.83 2.56
C ALA B 20 19.04 -40.02 4.02
N LYS B 21 20.29 -39.67 4.33
CA LYS B 21 20.83 -39.82 5.69
C LYS B 21 20.04 -39.06 6.74
N ASP B 22 20.04 -39.56 7.96
CA ASP B 22 19.42 -38.81 9.05
C ASP B 22 20.40 -37.73 9.55
N LEU B 23 20.00 -37.02 10.60
CA LEU B 23 20.78 -35.87 11.08
C LEU B 23 22.11 -36.25 11.72
N THR B 24 22.07 -37.27 12.60
CA THR B 24 23.20 -37.59 13.47
C THR B 24 23.67 -39.06 13.35
N SER B 25 22.85 -39.96 13.86
CA SER B 25 23.15 -41.40 13.91
C SER B 25 22.57 -42.02 12.64
N GLN B 26 23.39 -42.06 11.59
CA GLN B 26 22.87 -42.10 10.23
C GLN B 26 22.81 -43.42 9.46
N GLN B 27 21.59 -43.93 9.31
CA GLN B 27 21.26 -44.75 8.16
C GLN B 27 20.34 -43.90 7.31
N LEU B 28 19.61 -44.53 6.39
CA LEU B 28 18.70 -43.77 5.53
C LEU B 28 17.30 -43.72 6.14
N VAL B 29 16.68 -42.56 6.02
CA VAL B 29 15.28 -42.35 6.40
C VAL B 29 14.56 -41.59 5.31
N TRP B 30 13.24 -41.54 5.42
CA TRP B 30 12.36 -41.03 4.36
C TRP B 30 12.14 -39.53 4.46
N TYR B 31 12.22 -38.87 3.32
CA TYR B 31 11.92 -37.45 3.20
C TYR B 31 10.84 -37.27 2.15
N ARG B 32 10.19 -36.11 2.13
CA ARG B 32 9.26 -35.79 1.05
C ARG B 32 9.43 -34.34 0.60
N VAL B 33 9.03 -34.06 -0.64
CA VAL B 33 8.91 -32.70 -1.16
C VAL B 33 7.46 -32.44 -1.51
N GLN B 34 6.89 -31.36 -1.01
CA GLN B 34 5.46 -31.10 -1.18
C GLN B 34 5.18 -29.61 -1.37
N ASP B 35 3.94 -29.27 -1.76
CA ASP B 35 3.49 -27.89 -1.71
C ASP B 35 3.72 -27.32 -0.30
N LEU B 36 4.23 -26.09 -0.25
CA LEU B 36 4.37 -25.37 1.00
C LEU B 36 2.99 -24.95 1.51
N PRO B 37 2.55 -25.44 2.68
CA PRO B 37 1.24 -25.03 3.20
C PRO B 37 1.24 -23.56 3.62
N GLU B 38 0.09 -22.90 3.56
CA GLU B 38 0.01 -21.49 3.87
C GLU B 38 0.45 -21.21 5.30
N ASP B 39 0.09 -22.11 6.21
CA ASP B 39 0.44 -21.88 7.61
C ASP B 39 1.93 -22.01 7.88
N ARG B 40 2.67 -22.37 6.84
CA ARG B 40 4.14 -22.45 6.94
C ARG B 40 4.85 -21.34 6.15
N PHE B 41 4.10 -20.43 5.55
CA PHE B 41 4.74 -19.38 4.76
C PHE B 41 5.79 -18.60 5.56
N GLU B 42 5.42 -18.14 6.75
CA GLU B 42 6.36 -17.33 7.53
C GLU B 42 7.56 -18.17 7.88
N ASP B 43 7.34 -19.45 8.24
CA ASP B 43 8.49 -20.29 8.60
C ASP B 43 9.44 -20.37 7.41
N ALA B 44 8.86 -20.51 6.21
CA ALA B 44 9.64 -20.60 5.00
C ALA B 44 10.46 -19.33 4.77
N ILE B 45 9.85 -18.17 5.02
CA ILE B 45 10.55 -16.90 4.81
C ILE B 45 11.73 -16.87 5.76
N ARG B 46 11.50 -17.31 7.00
CA ARG B 46 12.56 -17.18 7.98
C ARG B 46 13.67 -18.13 7.59
N HIS B 47 13.29 -19.27 7.03
CA HIS B 47 14.27 -20.27 6.65
C HIS B 47 15.13 -19.62 5.56
N MET B 48 14.46 -19.00 4.59
CA MET B 48 15.18 -18.39 3.48
C MET B 48 16.10 -17.28 3.98
N CYS B 49 15.71 -16.61 5.06
CA CYS B 49 16.53 -15.51 5.56
C CYS B 49 17.71 -16.03 6.35
N ASP B 50 17.52 -17.17 7.00
CA ASP B 50 18.55 -17.70 7.88
C ASP B 50 19.72 -18.32 7.12
N TYR B 51 19.43 -18.90 5.96
CA TYR B 51 20.39 -19.74 5.26
C TYR B 51 20.67 -19.29 3.83
N PHE B 52 19.63 -19.24 3.00
CA PHE B 52 19.82 -18.80 1.63
C PHE B 52 20.42 -17.40 1.53
N ALA B 53 19.83 -16.43 2.24
CA ALA B 53 20.28 -15.05 2.13
C ALA B 53 21.71 -14.88 2.64
N ARG B 54 22.13 -15.77 3.53
CA ARG B 54 23.46 -15.71 4.13
C ARG B 54 24.49 -16.48 3.31
N ASP B 55 24.08 -17.59 2.70
CA ASP B 55 25.05 -18.52 2.11
C ASP B 55 25.31 -18.46 0.59
N GLU B 56 24.31 -18.00 -0.15
CA GLU B 56 24.37 -17.98 -1.62
C GLU B 56 25.43 -17.01 -2.13
N LEU B 57 26.13 -17.39 -3.20
CA LEU B 57 27.29 -16.62 -3.67
C LEU B 57 27.07 -15.15 -3.98
N MET B 58 26.04 -14.86 -4.77
CA MET B 58 25.75 -13.49 -5.14
C MET B 58 25.46 -12.63 -3.90
N ASN B 59 24.58 -13.15 -3.05
CA ASN B 59 24.24 -12.52 -1.77
C ASN B 59 25.45 -12.22 -0.89
N GLN B 60 26.32 -13.21 -0.73
CA GLN B 60 27.52 -13.02 0.07
C GLN B 60 28.38 -11.94 -0.53
N ALA B 61 28.50 -11.94 -1.85
CA ALA B 61 29.40 -11.02 -2.49
C ALA B 61 28.91 -9.59 -2.34
N LYS B 62 27.59 -9.40 -2.31
CA LYS B 62 27.04 -8.07 -2.05
C LYS B 62 26.87 -7.73 -0.56
N GLY B 63 27.11 -8.70 0.32
CA GLY B 63 26.89 -8.52 1.75
C GLY B 63 25.41 -8.40 2.09
N LEU B 64 24.57 -9.06 1.31
CA LEU B 64 23.11 -8.98 1.47
C LEU B 64 22.42 -9.36 2.79
N ALA B 65 23.04 -10.25 3.55
CA ALA B 65 22.47 -10.72 4.79
C ALA B 65 22.51 -9.67 5.91
N LYS B 66 23.51 -8.79 5.90
CA LYS B 66 23.65 -7.75 6.92
C LYS B 66 22.90 -6.47 6.58
N ASP B 67 22.35 -6.38 5.38
CA ASP B 67 21.74 -5.13 4.95
C ASP B 67 20.22 -5.21 5.02
N LEU B 68 19.63 -4.43 5.95
CA LEU B 68 18.21 -4.55 6.25
C LEU B 68 17.32 -4.12 5.08
N VAL B 69 17.77 -3.16 4.28
CA VAL B 69 16.98 -2.68 3.17
C VAL B 69 16.91 -3.75 2.09
N ALA B 70 18.05 -4.37 1.80
CA ALA B 70 18.07 -5.39 0.76
C ALA B 70 17.40 -6.68 1.24
N MET B 71 17.50 -6.95 2.54
CA MET B 71 16.76 -8.09 3.12
C MET B 71 15.25 -7.86 3.02
N GLY B 72 14.84 -6.61 3.22
CA GLY B 72 13.44 -6.25 3.08
C GLY B 72 12.95 -6.40 1.65
N ASP B 73 13.79 -6.01 0.69
CA ASP B 73 13.48 -6.21 -0.74
C ASP B 73 13.26 -7.68 -1.06
N VAL B 74 14.21 -8.53 -0.64
CA VAL B 74 14.09 -9.92 -1.06
C VAL B 74 12.90 -10.59 -0.35
N VAL B 75 12.68 -10.21 0.89
CA VAL B 75 11.52 -10.70 1.62
C VAL B 75 10.22 -10.24 0.95
N ALA B 76 10.21 -9.01 0.45
CA ALA B 76 9.02 -8.52 -0.25
C ALA B 76 8.76 -9.30 -1.56
N LEU B 77 9.83 -9.58 -2.31
CA LEU B 77 9.71 -10.42 -3.50
C LEU B 77 9.12 -11.80 -3.15
N TRP B 78 9.72 -12.47 -2.17
CA TRP B 78 9.26 -13.78 -1.76
C TRP B 78 7.78 -13.79 -1.32
N LYS B 79 7.42 -12.80 -0.49
CA LYS B 79 6.03 -12.70 -0.02
C LYS B 79 5.04 -12.43 -1.13
N ALA B 80 5.45 -11.71 -2.17
CA ALA B 80 4.63 -11.59 -3.38
C ALA B 80 4.51 -12.92 -4.12
N MET B 81 5.58 -13.72 -4.08
CA MET B 81 5.57 -15.02 -4.80
C MET B 81 4.75 -16.13 -4.13
N LEU B 82 4.74 -16.15 -2.81
CA LEU B 82 4.19 -17.30 -2.10
C LEU B 82 2.70 -17.60 -2.36
N PRO B 83 1.86 -16.56 -2.47
CA PRO B 83 0.45 -16.92 -2.69
C PRO B 83 0.13 -17.50 -4.06
N ASP B 84 1.10 -17.53 -4.97
CA ASP B 84 0.89 -18.25 -6.22
C ASP B 84 0.77 -19.75 -6.00
N ARG B 85 1.14 -20.21 -4.80
CA ARG B 85 1.01 -21.63 -4.43
C ARG B 85 1.77 -22.57 -5.36
N MET B 86 3.03 -22.22 -5.63
CA MET B 86 3.89 -23.06 -6.45
C MET B 86 5.17 -23.45 -5.72
N SER B 87 5.37 -22.90 -4.51
CA SER B 87 6.61 -23.09 -3.80
C SER B 87 6.67 -24.46 -3.16
N LEU B 88 7.87 -25.01 -3.08
CA LEU B 88 8.03 -26.37 -2.63
C LEU B 88 8.81 -26.42 -1.32
N VAL B 89 8.58 -27.46 -0.53
CA VAL B 89 9.20 -27.57 0.78
C VAL B 89 9.54 -29.04 1.05
N CYS B 90 10.71 -29.25 1.65
CA CYS B 90 11.16 -30.59 2.01
C CYS B 90 11.08 -30.81 3.51
N PHE B 91 10.40 -31.91 3.87
CA PHE B 91 10.27 -32.35 5.26
C PHE B 91 10.86 -33.75 5.43
N ARG B 92 11.43 -34.01 6.60
CA ARG B 92 11.78 -35.38 7.00
C ARG B 92 10.53 -36.01 7.63
N GLU B 93 10.19 -37.23 7.24
CA GLU B 93 8.97 -37.87 7.73
C GLU B 93 9.06 -38.04 9.24
N GLY B 94 8.08 -37.50 9.96
CA GLY B 94 8.12 -37.54 11.42
C GLY B 94 8.35 -36.17 12.06
N SER B 95 8.93 -35.24 11.31
CA SER B 95 9.25 -33.91 11.83
C SER B 95 8.62 -32.80 11.00
N ASP B 96 8.03 -31.80 11.64
CA ASP B 96 7.43 -30.68 10.91
C ASP B 96 8.46 -29.63 10.57
N GLU B 97 9.69 -29.87 10.99
CA GLU B 97 10.78 -28.95 10.76
C GLU B 97 11.15 -28.83 9.28
N ILE B 98 11.18 -27.59 8.79
CA ILE B 98 11.57 -27.35 7.41
C ILE B 98 13.00 -27.73 7.18
N VAL B 99 13.20 -28.73 6.32
CA VAL B 99 14.52 -29.21 5.95
C VAL B 99 15.00 -28.34 4.81
N GLY B 100 14.18 -28.17 3.79
CA GLY B 100 14.54 -27.29 2.68
C GLY B 100 13.37 -26.54 2.08
N VAL B 101 13.61 -25.43 1.37
CA VAL B 101 12.52 -24.69 0.68
C VAL B 101 12.99 -24.14 -0.67
N ASN B 102 12.10 -24.13 -1.66
CA ASN B 102 12.35 -23.54 -2.97
C ASN B 102 11.18 -22.59 -3.26
N ILE B 103 11.45 -21.28 -3.30
CA ILE B 103 10.39 -20.33 -3.58
C ILE B 103 10.23 -20.15 -5.08
N LEU B 104 9.04 -20.49 -5.60
CA LEU B 104 8.83 -20.63 -7.03
C LEU B 104 7.70 -19.75 -7.55
N ASP B 105 7.73 -19.42 -8.83
CA ASP B 105 6.56 -18.79 -9.47
C ASP B 105 6.58 -19.06 -10.95
N VAL B 106 5.67 -18.45 -11.69
CA VAL B 106 5.62 -18.71 -13.13
C VAL B 106 5.98 -17.45 -13.90
N ALA B 107 6.96 -17.57 -14.79
CA ALA B 107 7.31 -16.48 -15.68
C ALA B 107 6.48 -16.61 -16.94
N SER B 108 6.05 -15.46 -17.48
CA SER B 108 5.29 -15.47 -18.71
C SER B 108 5.92 -14.55 -19.73
N ARG B 109 5.74 -14.92 -21.00
CA ARG B 109 6.21 -14.12 -22.13
C ARG B 109 5.85 -12.64 -21.95
N SER B 110 4.67 -12.38 -21.40
CA SER B 110 4.17 -11.02 -21.26
C SER B 110 4.86 -10.21 -20.18
N ASP B 111 5.57 -10.89 -19.26
CA ASP B 111 6.25 -10.18 -18.15
C ASP B 111 7.13 -9.04 -18.62
N LYS B 112 7.01 -7.91 -17.94
CA LYS B 112 7.82 -6.72 -18.26
C LYS B 112 9.19 -6.83 -17.58
N ASP B 113 9.27 -7.64 -16.54
CA ASP B 113 10.50 -7.85 -15.78
C ASP B 113 11.21 -6.53 -15.46
N ASN B 114 10.49 -5.65 -14.77
CA ASN B 114 10.93 -4.29 -14.49
C ASN B 114 10.69 -3.91 -13.04
N ALA B 115 10.74 -4.90 -12.16
CA ALA B 115 10.44 -4.70 -10.74
C ALA B 115 11.39 -3.69 -10.14
N GLN B 116 10.88 -2.94 -9.17
CA GLN B 116 11.69 -1.90 -8.55
C GLN B 116 11.90 -2.17 -7.09
N PHE B 117 13.16 -2.06 -6.67
CA PHE B 117 13.53 -2.34 -5.30
C PHE B 117 14.13 -1.12 -4.62
N ASN B 118 14.21 -1.18 -3.30
CA ASN B 118 14.69 -0.06 -2.51
C ASN B 118 16.21 0.01 -2.45
N SER B 119 16.84 -1.16 -2.36
CA SER B 119 18.30 -1.22 -2.23
C SER B 119 19.02 -1.31 -3.58
N ALA B 120 20.18 -0.68 -3.65
CA ALA B 120 21.04 -0.85 -4.81
C ALA B 120 21.45 -2.32 -4.90
N ILE B 121 21.75 -2.92 -3.75
CA ILE B 121 22.22 -4.29 -3.66
C ILE B 121 21.24 -5.27 -4.32
N PHE B 122 20.00 -5.25 -3.87
CA PHE B 122 19.07 -6.21 -4.45
C PHE B 122 18.59 -5.82 -5.84
N GLN B 123 18.56 -4.52 -6.15
CA GLN B 123 18.21 -4.15 -7.52
C GLN B 123 19.22 -4.73 -8.48
N ALA B 124 20.50 -4.69 -8.08
CA ALA B 124 21.59 -5.23 -8.88
C ALA B 124 21.47 -6.74 -9.01
N ILE B 125 21.23 -7.43 -7.90
CA ILE B 125 21.07 -8.89 -7.96
C ILE B 125 19.94 -9.30 -8.90
N TYR B 126 18.76 -8.75 -8.65
CA TYR B 126 17.57 -9.03 -9.43
C TYR B 126 17.79 -8.71 -10.91
N ASP B 127 18.40 -7.57 -11.18
CA ASP B 127 18.66 -7.13 -12.54
C ASP B 127 19.68 -8.01 -13.25
N THR B 128 20.61 -8.57 -12.48
CA THR B 128 21.67 -9.41 -13.04
C THR B 128 21.01 -10.70 -13.46
N ILE B 129 20.15 -11.20 -12.59
CA ILE B 129 19.42 -12.42 -12.92
C ILE B 129 18.50 -12.21 -14.11
N GLU B 130 17.84 -11.05 -14.17
CA GLU B 130 17.00 -10.70 -15.30
C GLU B 130 17.78 -10.64 -16.62
N TYR B 131 18.97 -10.06 -16.57
CA TYR B 131 19.81 -10.02 -17.76
C TYR B 131 20.14 -11.46 -18.22
N VAL B 132 20.62 -12.27 -17.28
CA VAL B 132 20.99 -13.64 -17.61
C VAL B 132 19.82 -14.41 -18.22
N SER B 133 18.64 -14.22 -17.64
CA SER B 133 17.46 -14.94 -18.11
C SER B 133 17.04 -14.46 -19.49
N HIS B 134 17.24 -13.16 -19.75
CA HIS B 134 16.93 -12.62 -21.07
C HIS B 134 17.85 -13.23 -22.13
N GLN B 135 19.14 -13.30 -21.83
CA GLN B 135 20.12 -13.89 -22.76
C GLN B 135 19.86 -15.37 -23.02
N ALA B 136 19.20 -16.03 -22.09
CA ALA B 136 18.81 -17.43 -22.26
C ALA B 136 17.71 -17.63 -23.32
N ASN B 137 16.99 -16.55 -23.64
CA ASN B 137 15.96 -16.59 -24.70
C ASN B 137 15.00 -17.78 -24.56
N ILE B 138 14.50 -17.98 -23.35
CA ILE B 138 13.74 -19.18 -23.01
C ILE B 138 12.47 -19.40 -23.81
N PHE B 139 11.63 -18.37 -23.89
CA PHE B 139 10.34 -18.50 -24.56
C PHE B 139 10.47 -18.89 -26.02
N ASP B 140 11.33 -18.19 -26.75
CA ASP B 140 11.50 -18.49 -28.16
C ASP B 140 12.28 -19.77 -28.38
N ARG B 141 13.22 -20.06 -27.49
CA ARG B 141 14.05 -21.26 -27.64
C ARG B 141 13.22 -22.54 -27.46
N TYR B 142 12.27 -22.52 -26.53
CA TYR B 142 11.49 -23.72 -26.25
C TYR B 142 10.03 -23.64 -26.66
N ASN B 143 9.66 -22.54 -27.32
CA ASN B 143 8.31 -22.38 -27.85
C ASN B 143 7.25 -22.44 -26.74
N VAL B 144 7.50 -21.74 -25.64
CA VAL B 144 6.55 -21.66 -24.52
C VAL B 144 6.20 -20.22 -24.19
N ASP B 145 5.02 -20.02 -23.62
CA ASP B 145 4.62 -18.70 -23.14
C ASP B 145 4.83 -18.60 -21.63
N HIS B 146 5.07 -19.75 -21.01
CA HIS B 146 5.24 -19.80 -19.55
C HIS B 146 6.29 -20.79 -19.09
N TYR B 147 6.85 -20.53 -17.92
CA TYR B 147 7.70 -21.54 -17.29
C TYR B 147 7.80 -21.40 -15.78
N LEU B 148 8.13 -22.50 -15.11
CA LEU B 148 8.32 -22.50 -13.67
C LEU B 148 9.69 -21.91 -13.33
N ASN B 149 9.66 -20.77 -12.64
CA ASN B 149 10.84 -20.02 -12.27
C ASN B 149 11.07 -20.11 -10.76
N ALA B 150 12.23 -19.62 -10.32
CA ALA B 150 12.63 -19.74 -8.93
C ALA B 150 13.38 -18.51 -8.47
N MET B 151 13.29 -18.23 -7.18
CA MET B 151 14.02 -17.11 -6.58
C MET B 151 14.79 -17.51 -5.32
N GLY B 152 15.36 -18.71 -5.31
CA GLY B 152 16.13 -19.19 -4.19
C GLY B 152 15.74 -20.57 -3.69
N LEU B 153 16.75 -21.39 -3.41
CA LEU B 153 16.53 -22.67 -2.75
C LEU B 153 17.45 -22.71 -1.53
N SER B 154 16.88 -23.01 -0.37
CA SER B 154 17.72 -23.16 0.81
C SER B 154 17.56 -24.54 1.43
N VAL B 155 18.64 -25.01 2.03
CA VAL B 155 18.62 -26.23 2.80
C VAL B 155 19.37 -25.87 4.06
N ASP B 156 18.78 -26.23 5.19
CA ASP B 156 19.46 -26.14 6.49
C ASP B 156 20.81 -26.84 6.38
N PRO B 157 21.90 -26.16 6.81
CA PRO B 157 23.21 -26.82 6.79
C PRO B 157 23.25 -28.11 7.62
N LYS B 158 22.30 -28.31 8.51
CA LYS B 158 22.24 -29.51 9.29
C LYS B 158 21.91 -30.70 8.42
N TYR B 159 21.24 -30.44 7.31
CA TYR B 159 20.80 -31.49 6.40
C TYR B 159 21.57 -31.49 5.07
N ARG B 160 22.71 -30.79 5.00
CA ARG B 160 23.45 -30.70 3.76
C ARG B 160 24.34 -31.90 3.47
N GLY B 161 24.75 -32.02 2.21
CA GLY B 161 25.55 -33.14 1.73
C GLY B 161 24.76 -34.44 1.69
N ARG B 162 23.44 -34.32 1.53
CA ARG B 162 22.54 -35.46 1.60
C ARG B 162 21.74 -35.61 0.32
N GLY B 163 21.95 -34.69 -0.62
CA GLY B 163 21.25 -34.73 -1.88
C GLY B 163 19.88 -34.06 -1.85
N ILE B 164 19.58 -33.36 -0.76
CA ILE B 164 18.27 -32.73 -0.59
C ILE B 164 17.92 -31.74 -1.71
N ALA B 165 18.87 -30.88 -2.06
CA ALA B 165 18.62 -29.85 -3.06
C ALA B 165 18.19 -30.46 -4.39
N THR B 166 18.92 -31.51 -4.77
CA THR B 166 18.66 -32.26 -6.00
C THR B 166 17.24 -32.81 -6.05
N GLU B 167 16.80 -33.36 -4.93
CA GLU B 167 15.48 -33.97 -4.86
C GLU B 167 14.36 -32.93 -4.87
N ILE B 168 14.61 -31.79 -4.22
CA ILE B 168 13.71 -30.65 -4.27
C ILE B 168 13.52 -30.19 -5.71
N LEU B 169 14.63 -30.11 -6.46
CA LEU B 169 14.57 -29.72 -7.87
C LEU B 169 13.79 -30.75 -8.68
N ARG B 170 13.97 -32.02 -8.32
CA ARG B 170 13.31 -33.10 -9.06
C ARG B 170 11.79 -33.05 -8.90
N ALA B 171 11.34 -32.56 -7.75
CA ALA B 171 9.89 -32.44 -7.55
C ALA B 171 9.20 -31.46 -8.51
N ARG B 172 9.97 -30.69 -9.28
CA ARG B 172 9.37 -29.78 -10.25
C ARG B 172 8.65 -30.54 -11.35
N ILE B 173 9.15 -31.73 -11.70
CA ILE B 173 8.53 -32.52 -12.78
C ILE B 173 7.05 -32.85 -12.54
N PRO B 174 6.73 -33.55 -11.42
CA PRO B 174 5.30 -33.79 -11.17
C PRO B 174 4.48 -32.52 -10.95
N LEU B 175 5.08 -31.50 -10.34
CA LEU B 175 4.38 -30.24 -10.14
C LEU B 175 4.01 -29.61 -11.48
N CYS B 176 4.99 -29.53 -12.38
CA CYS B 176 4.75 -28.95 -13.70
C CYS B 176 3.70 -29.71 -14.52
N ARG B 177 3.76 -31.04 -14.49
CA ARG B 177 2.77 -31.83 -15.21
C ARG B 177 1.37 -31.56 -14.68
N ALA B 178 1.26 -31.42 -13.35
CA ALA B 178 -0.03 -31.22 -12.71
C ALA B 178 -0.71 -29.91 -13.13
N VAL B 179 0.08 -28.84 -13.23
CA VAL B 179 -0.47 -27.52 -13.56
C VAL B 179 -0.34 -27.18 -15.03
N GLY B 180 0.19 -28.11 -15.80
CA GLY B 180 0.24 -27.97 -17.25
C GLY B 180 1.38 -27.11 -17.76
N LEU B 181 2.47 -27.03 -16.99
CA LEU B 181 3.66 -26.33 -17.46
C LEU B 181 4.62 -27.25 -18.19
N LYS B 182 5.17 -26.78 -19.31
CA LYS B 182 6.01 -27.63 -20.13
C LYS B 182 7.50 -27.47 -19.86
N LEU B 183 7.86 -26.55 -18.97
CA LEU B 183 9.28 -26.26 -18.78
C LEU B 183 9.50 -25.54 -17.47
N SER B 184 10.67 -25.78 -16.87
CA SER B 184 11.14 -24.94 -15.78
C SER B 184 12.48 -24.36 -16.21
N ALA B 185 12.76 -23.12 -15.83
CA ALA B 185 14.10 -22.58 -16.08
C ALA B 185 14.47 -21.75 -14.87
N THR B 186 15.76 -21.69 -14.56
CA THR B 186 16.20 -21.02 -13.35
C THR B 186 17.63 -20.52 -13.52
N CYS B 187 17.96 -19.44 -12.79
CA CYS B 187 19.34 -19.04 -12.71
C CYS B 187 20.04 -19.81 -11.58
N PHE B 188 21.00 -20.64 -11.94
CA PHE B 188 21.77 -21.39 -10.97
C PHE B 188 23.14 -20.71 -10.81
N THR B 189 23.36 -20.17 -9.60
CA THR B 189 24.38 -19.16 -9.35
C THR B 189 25.73 -19.66 -8.82
N GLY B 190 25.77 -20.95 -8.46
CA GLY B 190 26.98 -21.55 -7.94
C GLY B 190 27.25 -22.92 -8.53
N PRO B 191 28.41 -23.49 -8.19
CA PRO B 191 28.79 -24.81 -8.69
C PRO B 191 27.84 -25.92 -8.24
N ASN B 192 27.60 -26.01 -6.94
CA ASN B 192 26.73 -27.03 -6.38
C ASN B 192 25.34 -27.01 -7.02
N SER B 193 24.69 -25.85 -7.00
CA SER B 193 23.36 -25.69 -7.59
C SER B 193 23.32 -26.15 -9.04
N GLN B 194 24.37 -25.82 -9.78
CA GLN B 194 24.46 -26.20 -11.19
C GLN B 194 24.61 -27.69 -11.33
N THR B 195 25.35 -28.29 -10.40
CA THR B 195 25.54 -29.73 -10.41
C THR B 195 24.23 -30.47 -10.15
N ALA B 196 23.48 -30.02 -9.15
CA ALA B 196 22.20 -30.65 -8.79
C ALA B 196 21.22 -30.50 -9.94
N ALA B 197 21.24 -29.32 -10.55
CA ALA B 197 20.38 -29.05 -11.70
C ALA B 197 20.69 -30.02 -12.83
N THR B 198 21.97 -30.13 -13.18
CA THR B 198 22.40 -31.04 -14.23
C THR B 198 21.98 -32.47 -13.92
N ARG B 199 22.10 -32.84 -12.64
CA ARG B 199 21.68 -34.17 -12.20
C ARG B 199 20.23 -34.48 -12.54
N VAL B 200 19.35 -33.52 -12.27
CA VAL B 200 17.92 -33.76 -12.50
C VAL B 200 17.53 -33.68 -13.99
N GLY B 201 18.44 -33.19 -14.83
CA GLY B 201 18.23 -33.13 -16.26
C GLY B 201 18.06 -31.73 -16.81
N PHE B 202 18.45 -30.72 -16.03
CA PHE B 202 18.52 -29.36 -16.56
C PHE B 202 19.63 -29.24 -17.60
N GLN B 203 19.39 -28.44 -18.64
CA GLN B 203 20.38 -28.19 -19.66
C GLN B 203 20.78 -26.73 -19.70
N GLU B 204 22.04 -26.48 -20.00
CA GLU B 204 22.57 -25.12 -20.03
C GLU B 204 21.88 -24.26 -21.08
N ASP B 205 21.47 -23.04 -20.71
CA ASP B 205 20.94 -22.13 -21.70
C ASP B 205 21.78 -20.88 -21.87
N PHE B 206 22.43 -20.43 -20.79
CA PHE B 206 23.35 -19.30 -20.90
C PHE B 206 24.37 -19.39 -19.77
N THR B 207 25.63 -19.10 -20.08
CA THR B 207 26.71 -19.19 -19.11
C THR B 207 27.56 -17.93 -19.22
N ILE B 208 27.85 -17.29 -18.09
CA ILE B 208 28.63 -16.07 -18.13
C ILE B 208 29.34 -15.91 -16.79
N THR B 209 30.55 -15.36 -16.77
CA THR B 209 31.20 -15.13 -15.49
C THR B 209 30.64 -13.88 -14.81
N TYR B 210 30.78 -13.78 -13.49
CA TYR B 210 30.35 -12.57 -12.78
C TYR B 210 31.19 -11.35 -13.19
N GLY B 211 32.47 -11.59 -13.49
CA GLY B 211 33.34 -10.56 -14.04
C GLY B 211 32.84 -9.98 -15.38
N GLU B 212 32.43 -10.86 -16.27
CA GLU B 212 31.92 -10.40 -17.56
C GLU B 212 30.62 -9.63 -17.37
N LEU B 213 29.76 -10.18 -16.51
CA LEU B 213 28.54 -9.48 -16.13
C LEU B 213 28.86 -8.05 -15.69
N ALA B 214 29.87 -7.89 -14.85
CA ALA B 214 30.30 -6.56 -14.39
C ALA B 214 30.73 -5.68 -15.54
N ARG B 215 31.29 -6.30 -16.59
CA ARG B 215 31.63 -5.48 -17.75
C ARG B 215 30.40 -5.12 -18.62
N VAL B 216 29.30 -5.83 -18.43
CA VAL B 216 28.03 -5.46 -19.10
C VAL B 216 27.35 -4.26 -18.41
N ASP B 217 27.33 -4.31 -17.08
CA ASP B 217 26.79 -3.24 -16.26
C ASP B 217 27.61 -3.24 -14.98
N GLN B 218 28.15 -2.07 -14.62
CA GLN B 218 28.99 -1.94 -13.43
C GLN B 218 28.30 -2.40 -12.17
N ARG B 219 26.97 -2.23 -12.12
CA ARG B 219 26.20 -2.64 -10.96
C ARG B 219 26.29 -4.13 -10.74
N PHE B 220 26.62 -4.88 -11.79
CA PHE B 220 26.59 -6.35 -11.71
C PHE B 220 27.93 -6.88 -11.24
N ASN B 221 28.53 -6.21 -10.26
CA ASN B 221 29.84 -6.66 -9.79
C ASN B 221 29.72 -7.44 -8.49
N TYR B 222 30.47 -8.53 -8.42
CA TYR B 222 30.37 -9.46 -7.30
C TYR B 222 31.75 -9.78 -6.78
N PRO B 223 32.24 -8.98 -5.82
CA PRO B 223 33.63 -9.05 -5.39
C PRO B 223 33.97 -10.43 -4.85
N GLY B 224 35.03 -11.03 -5.36
CA GLY B 224 35.48 -12.31 -4.86
C GLY B 224 35.01 -13.51 -5.65
N ILE B 225 34.07 -13.32 -6.58
CA ILE B 225 33.63 -14.45 -7.41
C ILE B 225 33.63 -14.10 -8.89
N GLU B 226 34.48 -13.15 -9.26
CA GLU B 226 34.53 -12.68 -10.65
C GLU B 226 34.75 -13.82 -11.64
N GLU B 227 35.55 -14.81 -11.27
CA GLU B 227 35.84 -15.92 -12.16
C GLU B 227 34.83 -17.06 -12.05
N ASN B 228 33.85 -16.91 -11.16
CA ASN B 228 32.76 -17.89 -11.06
C ASN B 228 31.75 -17.75 -12.20
N PHE B 229 31.15 -18.87 -12.59
CA PHE B 229 30.15 -18.89 -13.64
C PHE B 229 28.73 -18.83 -13.09
N CYS B 230 27.93 -17.97 -13.71
CA CYS B 230 26.49 -17.87 -13.49
C CYS B 230 25.79 -18.54 -14.68
N LYS B 231 24.87 -19.48 -14.41
CA LYS B 231 24.24 -20.23 -15.52
C LYS B 231 22.72 -20.23 -15.50
N TYR B 232 22.08 -19.85 -16.60
CA TYR B 232 20.65 -20.07 -16.74
C TYR B 232 20.42 -21.43 -17.40
N MET B 233 19.58 -22.26 -16.76
CA MET B 233 19.38 -23.64 -17.18
C MET B 233 17.90 -24.00 -17.21
N SER B 234 17.52 -24.89 -18.12
CA SER B 234 16.12 -25.30 -18.20
C SER B 234 15.92 -26.82 -18.19
N LEU B 235 14.71 -27.21 -17.81
CA LEU B 235 14.31 -28.59 -17.66
C LEU B 235 13.00 -28.79 -18.42
N ARG B 236 13.03 -29.69 -19.39
CA ARG B 236 11.81 -30.06 -20.08
C ARG B 236 11.01 -31.08 -19.28
N VAL B 237 9.71 -30.85 -19.22
CA VAL B 237 8.80 -31.74 -18.51
C VAL B 237 7.87 -32.43 -19.49
N ASP B 238 7.44 -31.61 -20.44
CA ASP B 238 6.61 -31.95 -21.60
C ASP B 238 6.57 -30.78 -22.55
N LYS C 2 -27.17 -16.25 6.22
CA LYS C 2 -26.85 -17.53 6.86
C LYS C 2 -25.48 -18.01 6.39
N TRP C 3 -25.14 -17.66 5.15
CA TRP C 3 -23.78 -17.88 4.68
C TRP C 3 -22.88 -17.03 5.57
N THR C 4 -21.83 -17.67 6.09
CA THR C 4 -20.94 -17.01 7.03
C THR C 4 -19.53 -17.43 6.70
N ARG C 5 -18.62 -16.46 6.68
CA ARG C 5 -17.22 -16.74 6.42
C ARG C 5 -16.66 -17.65 7.50
N SER C 6 -15.92 -18.67 7.10
CA SER C 6 -15.34 -19.63 8.05
C SER C 6 -14.32 -18.94 8.95
N VAL C 7 -14.42 -19.18 10.25
CA VAL C 7 -13.51 -18.56 11.20
C VAL C 7 -12.14 -19.21 11.13
N LYS C 8 -12.03 -20.29 10.36
CA LYS C 8 -10.77 -20.99 10.20
C LYS C 8 -9.84 -20.28 9.23
N VAL C 9 -10.41 -19.49 8.32
CA VAL C 9 -9.60 -18.71 7.39
C VAL C 9 -9.04 -17.51 8.15
N PRO C 10 -7.72 -17.25 8.04
CA PRO C 10 -7.13 -16.14 8.80
C PRO C 10 -7.80 -14.81 8.44
N PHE C 11 -8.03 -13.98 9.46
CA PHE C 11 -8.60 -12.66 9.25
C PHE C 11 -7.88 -11.67 10.16
N PRO C 12 -7.36 -10.59 9.58
CA PRO C 12 -7.39 -10.30 8.13
C PRO C 12 -6.24 -10.95 7.36
N SER C 13 -6.51 -11.37 6.13
CA SER C 13 -5.50 -11.97 5.27
C SER C 13 -5.11 -11.00 4.16
N VAL C 14 -3.84 -11.01 3.81
CA VAL C 14 -3.37 -10.30 2.64
C VAL C 14 -3.53 -11.27 1.47
N TRP C 15 -4.28 -10.86 0.45
CA TRP C 15 -4.54 -11.77 -0.64
C TRP C 15 -3.53 -11.66 -1.77
N HIS C 16 -2.96 -10.47 -1.95
CA HIS C 16 -2.18 -10.21 -3.13
C HIS C 16 -1.22 -9.03 -2.95
N ARG C 17 0.03 -9.22 -3.32
CA ARG C 17 1.01 -8.11 -3.32
C ARG C 17 1.57 -7.89 -4.71
N PHE C 18 1.59 -6.63 -5.15
CA PHE C 18 1.96 -6.32 -6.52
C PHE C 18 2.57 -4.93 -6.59
N GLN C 19 3.27 -4.63 -7.67
CA GLN C 19 3.79 -3.28 -7.87
C GLN C 19 2.92 -2.53 -8.87
N ALA C 20 2.85 -1.22 -8.69
CA ALA C 20 2.19 -0.32 -9.64
C ALA C 20 2.83 1.05 -9.51
N LYS C 21 2.54 1.93 -10.46
CA LYS C 21 3.13 3.26 -10.40
C LYS C 21 2.71 4.02 -9.14
N ASP C 22 3.64 4.78 -8.58
CA ASP C 22 3.34 5.61 -7.42
C ASP C 22 2.57 6.86 -7.84
N LEU C 23 2.49 7.83 -6.94
CA LEU C 23 1.71 9.04 -7.16
C LEU C 23 2.24 9.86 -8.33
N THR C 24 3.55 9.87 -8.49
CA THR C 24 4.22 10.66 -9.50
C THR C 24 4.15 10.01 -10.88
N SER C 25 3.83 8.71 -10.89
CA SER C 25 3.82 7.91 -12.11
C SER C 25 5.22 7.75 -12.70
N GLN C 26 6.25 8.02 -11.90
CA GLN C 26 7.62 7.87 -12.38
C GLN C 26 8.32 6.62 -11.88
N GLN C 27 7.70 5.92 -10.93
CA GLN C 27 8.36 4.79 -10.27
C GLN C 27 7.36 3.73 -9.84
N LEU C 28 7.79 2.48 -9.78
CA LEU C 28 6.92 1.43 -9.27
C LEU C 28 7.17 1.25 -7.79
N VAL C 29 6.09 1.13 -7.03
CA VAL C 29 6.15 0.83 -5.60
C VAL C 29 5.21 -0.32 -5.26
N TRP C 30 5.41 -0.92 -4.10
CA TRP C 30 4.55 -2.03 -3.67
C TRP C 30 3.19 -1.58 -3.17
N TYR C 31 2.20 -2.38 -3.52
CA TYR C 31 0.84 -2.23 -3.05
C TYR C 31 0.35 -3.60 -2.62
N ARG C 32 -0.73 -3.65 -1.86
CA ARG C 32 -1.34 -4.94 -1.55
C ARG C 32 -2.85 -4.84 -1.49
N VAL C 33 -3.52 -5.97 -1.70
CA VAL C 33 -4.96 -6.06 -1.53
C VAL C 33 -5.20 -7.05 -0.40
N GLN C 34 -6.04 -6.68 0.58
CA GLN C 34 -6.28 -7.53 1.75
C GLN C 34 -7.70 -7.38 2.26
N ASP C 35 -8.10 -8.24 3.20
CA ASP C 35 -9.37 -8.08 3.89
C ASP C 35 -9.41 -6.68 4.51
N LEU C 36 -10.55 -5.99 4.37
CA LEU C 36 -10.76 -4.72 5.06
C LEU C 36 -10.89 -4.94 6.57
N PRO C 37 -10.01 -4.31 7.38
CA PRO C 37 -10.11 -4.55 8.82
C PRO C 37 -11.37 -3.90 9.38
N GLU C 38 -11.92 -4.47 10.45
CA GLU C 38 -13.13 -3.94 11.10
C GLU C 38 -13.00 -2.48 11.51
N ASP C 39 -11.83 -2.12 12.03
CA ASP C 39 -11.65 -0.77 12.51
C ASP C 39 -11.53 0.24 11.37
N ARG C 40 -11.52 -0.25 10.14
CA ARG C 40 -11.45 0.65 9.01
C ARG C 40 -12.79 0.74 8.27
N PHE C 41 -13.81 0.03 8.77
CA PHE C 41 -15.15 0.15 8.17
C PHE C 41 -15.61 1.61 7.99
N GLU C 42 -15.48 2.41 9.04
CA GLU C 42 -15.86 3.81 8.99
C GLU C 42 -15.12 4.58 7.90
N ASP C 43 -13.83 4.33 7.75
CA ASP C 43 -13.05 5.05 6.74
C ASP C 43 -13.52 4.58 5.39
N ALA C 44 -13.84 3.29 5.29
CA ALA C 44 -14.29 2.73 4.03
C ALA C 44 -15.56 3.45 3.57
N ILE C 45 -16.51 3.60 4.50
CA ILE C 45 -17.78 4.25 4.18
C ILE C 45 -17.48 5.68 3.72
N ARG C 46 -16.58 6.37 4.43
CA ARG C 46 -16.32 7.76 4.07
C ARG C 46 -15.80 7.82 2.65
N HIS C 47 -14.94 6.87 2.30
CA HIS C 47 -14.31 6.87 0.99
C HIS C 47 -15.41 6.72 -0.04
N MET C 48 -16.29 5.75 0.23
CA MET C 48 -17.36 5.44 -0.71
C MET C 48 -18.32 6.61 -0.88
N CYS C 49 -18.49 7.41 0.18
CA CYS C 49 -19.40 8.54 0.08
C CYS C 49 -18.73 9.66 -0.70
N ASP C 50 -17.41 9.78 -0.51
CA ASP C 50 -16.69 10.91 -1.05
C ASP C 50 -16.50 10.78 -2.56
N TYR C 51 -16.41 9.54 -3.04
CA TYR C 51 -15.96 9.30 -4.41
C TYR C 51 -16.99 8.50 -5.19
N PHE C 52 -17.27 7.31 -4.70
CA PHE C 52 -18.21 6.43 -5.38
C PHE C 52 -19.62 7.02 -5.52
N ALA C 53 -20.17 7.53 -4.42
CA ALA C 53 -21.55 8.07 -4.45
C ALA C 53 -21.67 9.26 -5.40
N ARG C 54 -20.54 9.89 -5.71
CA ARG C 54 -20.52 11.04 -6.62
C ARG C 54 -20.10 10.73 -8.06
N ASP C 55 -19.19 9.78 -8.23
CA ASP C 55 -18.59 9.49 -9.54
C ASP C 55 -19.22 8.32 -10.32
N GLU C 56 -19.77 7.33 -9.62
CA GLU C 56 -20.32 6.18 -10.34
C GLU C 56 -21.50 6.67 -11.20
N LEU C 57 -21.65 6.10 -12.39
CA LEU C 57 -22.54 6.66 -13.42
C LEU C 57 -24.03 6.66 -13.08
N MET C 58 -24.52 5.59 -12.46
CA MET C 58 -25.92 5.54 -12.08
C MET C 58 -26.21 6.55 -10.97
N ASN C 59 -25.32 6.56 -9.97
CA ASN C 59 -25.44 7.47 -8.85
C ASN C 59 -25.45 8.92 -9.32
N GLN C 60 -24.52 9.23 -10.22
CA GLN C 60 -24.39 10.57 -10.79
C GLN C 60 -25.65 10.94 -11.56
N ALA C 61 -26.16 10.00 -12.35
CA ALA C 61 -27.31 10.26 -13.21
C ALA C 61 -28.57 10.54 -12.40
N LYS C 62 -28.69 9.86 -11.26
CA LYS C 62 -29.83 10.07 -10.38
C LYS C 62 -29.63 11.13 -9.28
N GLY C 63 -28.44 11.73 -9.20
CA GLY C 63 -28.16 12.73 -8.19
C GLY C 63 -28.25 12.23 -6.75
N LEU C 64 -27.77 11.01 -6.54
CA LEU C 64 -27.75 10.41 -5.21
C LEU C 64 -27.12 11.32 -4.16
N ALA C 65 -26.01 11.95 -4.51
CA ALA C 65 -25.25 12.78 -3.57
C ALA C 65 -25.95 14.07 -3.14
N LYS C 66 -27.03 14.44 -3.82
CA LYS C 66 -27.77 15.67 -3.48
C LYS C 66 -29.03 15.37 -2.70
N ASP C 67 -29.19 14.11 -2.29
CA ASP C 67 -30.39 13.65 -1.61
C ASP C 67 -29.92 12.93 -0.35
N LEU C 68 -30.12 13.58 0.80
CA LEU C 68 -29.56 13.10 2.06
C LEU C 68 -30.20 11.80 2.52
N VAL C 69 -31.46 11.59 2.16
CA VAL C 69 -32.14 10.35 2.54
C VAL C 69 -31.59 9.19 1.71
N ALA C 70 -31.35 9.43 0.43
CA ALA C 70 -30.76 8.43 -0.44
C ALA C 70 -29.35 8.05 0.02
N MET C 71 -28.58 9.06 0.42
CA MET C 71 -27.22 8.85 0.91
C MET C 71 -27.28 8.02 2.17
N GLY C 72 -28.26 8.32 3.02
CA GLY C 72 -28.56 7.52 4.19
C GLY C 72 -28.83 6.07 3.85
N ASP C 73 -29.54 5.86 2.74
CA ASP C 73 -29.90 4.50 2.30
C ASP C 73 -28.66 3.73 1.88
N VAL C 74 -27.87 4.32 1.01
CA VAL C 74 -26.66 3.62 0.55
C VAL C 74 -25.68 3.33 1.71
N VAL C 75 -25.52 4.29 2.62
CA VAL C 75 -24.68 4.06 3.80
C VAL C 75 -25.25 2.89 4.60
N ALA C 76 -26.57 2.85 4.73
CA ALA C 76 -27.20 1.76 5.49
C ALA C 76 -26.93 0.40 4.86
N LEU C 77 -26.94 0.37 3.51
CA LEU C 77 -26.65 -0.86 2.76
C LEU C 77 -25.22 -1.33 3.02
N TRP C 78 -24.27 -0.42 2.84
CA TRP C 78 -22.87 -0.75 3.08
C TRP C 78 -22.63 -1.20 4.52
N LYS C 79 -23.28 -0.54 5.48
CA LYS C 79 -23.14 -0.93 6.87
C LYS C 79 -23.70 -2.33 7.10
N ALA C 80 -24.76 -2.70 6.38
CA ALA C 80 -25.28 -4.08 6.47
C ALA C 80 -24.34 -5.12 5.84
N MET C 81 -23.57 -4.70 4.82
CA MET C 81 -22.67 -5.64 4.15
C MET C 81 -21.34 -5.85 4.86
N LEU C 82 -20.76 -4.79 5.38
CA LEU C 82 -19.40 -4.86 5.92
C LEU C 82 -19.15 -5.95 7.00
N PRO C 83 -20.09 -6.15 7.94
CA PRO C 83 -19.81 -7.16 8.96
C PRO C 83 -19.79 -8.61 8.47
N ASP C 84 -20.09 -8.86 7.20
CA ASP C 84 -19.91 -10.19 6.61
C ASP C 84 -18.43 -10.54 6.40
N ARG C 85 -17.56 -9.55 6.63
CA ARG C 85 -16.12 -9.77 6.55
C ARG C 85 -15.63 -10.30 5.20
N MET C 86 -16.10 -9.72 4.11
CA MET C 86 -15.67 -10.14 2.78
C MET C 86 -15.19 -8.98 1.92
N SER C 87 -15.28 -7.77 2.44
CA SER C 87 -14.90 -6.59 1.67
C SER C 87 -13.39 -6.47 1.52
N LEU C 88 -12.95 -5.89 0.42
CA LEU C 88 -11.52 -5.85 0.13
C LEU C 88 -10.98 -4.43 0.05
N VAL C 89 -9.73 -4.24 0.50
CA VAL C 89 -9.08 -2.93 0.50
C VAL C 89 -7.66 -2.99 -0.09
N CYS C 90 -7.29 -1.97 -0.87
CA CYS C 90 -5.94 -1.86 -1.36
C CYS C 90 -5.21 -0.79 -0.57
N PHE C 91 -4.00 -1.11 -0.13
CA PHE C 91 -3.12 -0.13 0.50
C PHE C 91 -1.84 0.00 -0.31
N ARG C 92 -1.27 1.21 -0.37
CA ARG C 92 0.12 1.36 -0.84
C ARG C 92 1.06 1.07 0.34
N GLU C 93 2.01 0.15 0.15
CA GLU C 93 2.85 -0.29 1.26
C GLU C 93 3.53 0.89 1.97
N GLY C 94 3.34 0.97 3.29
CA GLY C 94 3.86 2.07 4.08
C GLY C 94 2.75 2.97 4.64
N SER C 95 1.61 2.96 3.97
CA SER C 95 0.53 3.89 4.32
C SER C 95 -0.79 3.19 4.65
N ASP C 96 -1.53 3.69 5.62
CA ASP C 96 -2.83 3.11 5.92
C ASP C 96 -3.94 3.85 5.18
N GLU C 97 -3.56 4.74 4.26
CA GLU C 97 -4.56 5.42 3.44
C GLU C 97 -5.26 4.43 2.54
N ILE C 98 -6.58 4.51 2.47
CA ILE C 98 -7.32 3.63 1.55
C ILE C 98 -7.02 4.08 0.11
N VAL C 99 -6.45 3.17 -0.68
CA VAL C 99 -6.12 3.46 -2.09
C VAL C 99 -7.33 3.09 -2.92
N GLY C 100 -7.95 1.98 -2.55
CA GLY C 100 -9.16 1.52 -3.23
C GLY C 100 -9.90 0.56 -2.30
N VAL C 101 -11.18 0.32 -2.58
CA VAL C 101 -12.01 -0.54 -1.74
C VAL C 101 -13.17 -1.11 -2.56
N ASN C 102 -13.61 -2.30 -2.21
CA ASN C 102 -14.70 -2.97 -2.90
C ASN C 102 -15.55 -3.53 -1.77
N ILE C 103 -16.80 -3.08 -1.67
CA ILE C 103 -17.70 -3.59 -0.62
C ILE C 103 -18.37 -4.83 -1.17
N LEU C 104 -18.13 -5.97 -0.53
CA LEU C 104 -18.62 -7.25 -1.05
C LEU C 104 -19.56 -7.96 -0.06
N ASP C 105 -20.44 -8.80 -0.58
CA ASP C 105 -21.16 -9.74 0.28
C ASP C 105 -21.45 -11.00 -0.50
N VAL C 106 -22.16 -11.95 0.13
CA VAL C 106 -22.55 -13.15 -0.58
C VAL C 106 -24.04 -13.15 -0.90
N ALA C 107 -24.34 -13.34 -2.18
CA ALA C 107 -25.70 -13.57 -2.67
C ALA C 107 -25.99 -15.06 -2.54
N SER C 108 -27.16 -15.38 -2.02
CA SER C 108 -27.56 -16.78 -1.85
C SER C 108 -28.95 -17.04 -2.40
N ARG C 109 -29.22 -18.30 -2.70
CA ARG C 109 -30.47 -18.71 -3.33
C ARG C 109 -31.66 -18.38 -2.44
N SER C 110 -31.45 -18.40 -1.13
CA SER C 110 -32.51 -18.17 -0.15
C SER C 110 -32.93 -16.70 -0.01
N ASP C 111 -32.19 -15.80 -0.64
CA ASP C 111 -32.50 -14.38 -0.56
C ASP C 111 -33.88 -14.10 -1.15
N LYS C 112 -34.81 -13.67 -0.31
CA LYS C 112 -36.05 -13.10 -0.82
C LYS C 112 -35.70 -11.65 -1.10
N ASP C 113 -36.30 -11.06 -2.13
CA ASP C 113 -36.05 -9.65 -2.39
C ASP C 113 -36.80 -8.81 -1.35
N ASN C 114 -36.20 -8.65 -0.18
CA ASN C 114 -36.85 -7.93 0.89
C ASN C 114 -36.21 -6.57 1.22
N ALA C 115 -35.16 -6.20 0.48
CA ALA C 115 -34.44 -4.95 0.73
C ALA C 115 -35.31 -3.72 0.47
N GLN C 116 -35.52 -2.92 1.51
CA GLN C 116 -36.37 -1.74 1.41
C GLN C 116 -35.64 -0.47 1.83
N PHE C 117 -35.76 0.57 1.01
CA PHE C 117 -35.10 1.83 1.34
C PHE C 117 -36.08 2.98 1.53
N ASN C 118 -35.58 4.05 2.13
CA ASN C 118 -36.41 5.20 2.42
C ASN C 118 -36.68 6.05 1.19
N SER C 119 -35.67 6.23 0.35
CA SER C 119 -35.80 7.13 -0.79
C SER C 119 -36.23 6.43 -2.08
N ALA C 120 -36.89 7.20 -2.94
CA ALA C 120 -37.21 6.74 -4.28
C ALA C 120 -35.93 6.51 -5.08
N ILE C 121 -35.01 7.46 -4.99
CA ILE C 121 -33.76 7.38 -5.76
C ILE C 121 -32.98 6.11 -5.49
N PHE C 122 -32.64 5.86 -4.22
CA PHE C 122 -31.85 4.66 -3.97
C PHE C 122 -32.62 3.38 -4.21
N GLN C 123 -33.92 3.37 -3.94
CA GLN C 123 -34.72 2.18 -4.23
C GLN C 123 -34.66 1.89 -5.72
N ALA C 124 -34.70 2.94 -6.53
CA ALA C 124 -34.63 2.78 -7.97
C ALA C 124 -33.30 2.20 -8.41
N ILE C 125 -32.21 2.80 -7.92
CA ILE C 125 -30.86 2.27 -8.20
C ILE C 125 -30.75 0.78 -7.82
N TYR C 126 -31.12 0.47 -6.58
CA TYR C 126 -31.03 -0.89 -6.06
C TYR C 126 -31.86 -1.84 -6.91
N ASP C 127 -33.08 -1.41 -7.25
CA ASP C 127 -34.00 -2.25 -8.01
C ASP C 127 -33.53 -2.47 -9.45
N THR C 128 -32.79 -1.50 -10.00
CA THR C 128 -32.26 -1.65 -11.35
C THR C 128 -31.18 -2.72 -11.34
N ILE C 129 -30.29 -2.62 -10.35
CA ILE C 129 -29.25 -3.63 -10.21
C ILE C 129 -29.86 -5.01 -9.99
N GLU C 130 -30.88 -5.06 -9.15
CA GLU C 130 -31.53 -6.34 -8.87
C GLU C 130 -32.20 -6.92 -10.10
N TYR C 131 -32.81 -6.06 -10.92
CA TYR C 131 -33.41 -6.52 -12.15
C TYR C 131 -32.35 -7.16 -13.05
N VAL C 132 -31.24 -6.45 -13.23
CA VAL C 132 -30.14 -6.99 -14.04
C VAL C 132 -29.65 -8.34 -13.50
N SER C 133 -29.46 -8.40 -12.18
CA SER C 133 -29.08 -9.63 -11.51
C SER C 133 -30.04 -10.76 -11.85
N HIS C 134 -31.33 -10.47 -11.77
CA HIS C 134 -32.39 -11.44 -12.08
C HIS C 134 -32.28 -11.95 -13.50
N GLN C 135 -32.16 -11.04 -14.47
CA GLN C 135 -31.95 -11.45 -15.86
C GLN C 135 -30.72 -12.35 -16.02
N ALA C 136 -29.65 -12.03 -15.31
CA ALA C 136 -28.43 -12.82 -15.36
C ALA C 136 -28.67 -14.26 -14.87
N ASN C 137 -29.61 -14.41 -13.93
CA ASN C 137 -30.13 -15.72 -13.52
C ASN C 137 -29.03 -16.64 -13.00
N ILE C 138 -28.10 -16.08 -12.23
CA ILE C 138 -26.88 -16.80 -11.86
C ILE C 138 -27.08 -18.19 -11.21
N PHE C 139 -27.96 -18.27 -10.22
CA PHE C 139 -28.13 -19.53 -9.47
C PHE C 139 -28.54 -20.72 -10.37
N ASP C 140 -29.51 -20.50 -11.24
CA ASP C 140 -30.02 -21.58 -12.07
C ASP C 140 -29.25 -21.74 -13.37
N ARG C 141 -28.62 -20.66 -13.81
CA ARG C 141 -27.90 -20.70 -15.06
C ARG C 141 -26.58 -21.45 -14.91
N TYR C 142 -25.88 -21.22 -13.81
CA TYR C 142 -24.55 -21.79 -13.60
C TYR C 142 -24.54 -22.82 -12.47
N ASN C 143 -25.73 -23.20 -12.00
CA ASN C 143 -25.90 -24.18 -10.94
C ASN C 143 -25.12 -23.93 -9.65
N VAL C 144 -25.32 -22.76 -9.05
CA VAL C 144 -24.72 -22.48 -7.74
C VAL C 144 -25.77 -22.02 -6.73
N ASP C 145 -25.43 -22.12 -5.44
CA ASP C 145 -26.32 -21.68 -4.37
C ASP C 145 -25.85 -20.35 -3.81
N HIS C 146 -24.60 -20.01 -4.10
CA HIS C 146 -23.99 -18.81 -3.54
C HIS C 146 -23.02 -18.21 -4.56
N TYR C 147 -22.94 -16.88 -4.56
CA TYR C 147 -21.87 -16.21 -5.28
C TYR C 147 -21.41 -14.94 -4.59
N LEU C 148 -20.17 -14.57 -4.87
CA LEU C 148 -19.57 -13.38 -4.29
C LEU C 148 -20.01 -12.17 -5.09
N ASN C 149 -20.81 -11.32 -4.45
CA ASN C 149 -21.38 -10.12 -5.04
C ASN C 149 -20.72 -8.85 -4.46
N ALA C 150 -21.03 -7.71 -5.05
CA ALA C 150 -20.44 -6.42 -4.67
C ALA C 150 -21.46 -5.28 -4.83
N MET C 151 -21.30 -4.22 -4.04
CA MET C 151 -22.11 -3.03 -4.23
C MET C 151 -21.22 -1.80 -4.19
N GLY C 152 -20.18 -1.80 -5.02
CA GLY C 152 -19.35 -0.62 -5.13
C GLY C 152 -17.87 -0.90 -5.10
N LEU C 153 -17.19 -0.42 -6.14
CA LEU C 153 -15.74 -0.48 -6.23
C LEU C 153 -15.24 0.94 -6.46
N SER C 154 -14.25 1.36 -5.70
CA SER C 154 -13.82 2.75 -5.79
C SER C 154 -12.33 2.82 -5.57
N VAL C 155 -11.69 3.69 -6.34
CA VAL C 155 -10.27 3.95 -6.19
C VAL C 155 -10.10 5.44 -6.02
N ASP C 156 -9.31 5.83 -5.01
CA ASP C 156 -8.95 7.21 -4.78
C ASP C 156 -8.43 7.83 -6.08
N PRO C 157 -8.90 9.03 -6.40
CA PRO C 157 -8.51 9.69 -7.66
C PRO C 157 -7.01 9.88 -7.80
N LYS C 158 -6.28 9.96 -6.70
CA LYS C 158 -4.83 10.05 -6.73
C LYS C 158 -4.19 8.83 -7.38
N TYR C 159 -4.87 7.70 -7.32
CA TYR C 159 -4.31 6.44 -7.76
C TYR C 159 -5.01 5.76 -8.94
N ARG C 160 -5.85 6.47 -9.68
CA ARG C 160 -6.59 5.80 -10.76
C ARG C 160 -5.75 5.54 -12.02
N GLY C 161 -6.20 4.61 -12.86
CA GLY C 161 -5.52 4.32 -14.13
C GLY C 161 -4.18 3.63 -13.97
N ARG C 162 -4.01 2.94 -12.84
CA ARG C 162 -2.76 2.29 -12.50
C ARG C 162 -2.96 0.81 -12.39
N GLY C 163 -4.19 0.36 -12.59
CA GLY C 163 -4.49 -1.04 -12.51
C GLY C 163 -4.93 -1.47 -11.12
N ILE C 164 -5.18 -0.49 -10.23
CA ILE C 164 -5.60 -0.78 -8.87
C ILE C 164 -6.96 -1.50 -8.84
N ALA C 165 -7.91 -0.99 -9.62
CA ALA C 165 -9.23 -1.60 -9.68
C ALA C 165 -9.15 -3.05 -10.14
N THR C 166 -8.35 -3.26 -11.18
CA THR C 166 -8.10 -4.60 -11.71
C THR C 166 -7.57 -5.54 -10.62
N GLU C 167 -6.64 -5.08 -9.79
CA GLU C 167 -6.07 -5.96 -8.79
C GLU C 167 -7.03 -6.21 -7.62
N ILE C 168 -7.82 -5.20 -7.29
CA ILE C 168 -8.85 -5.37 -6.28
C ILE C 168 -9.83 -6.46 -6.72
N LEU C 169 -10.24 -6.43 -7.99
CA LEU C 169 -11.10 -7.46 -8.52
C LEU C 169 -10.42 -8.83 -8.56
N ARG C 170 -9.16 -8.87 -8.97
CA ARG C 170 -8.43 -10.14 -9.13
C ARG C 170 -8.27 -10.86 -7.81
N ALA C 171 -8.12 -10.11 -6.73
CA ALA C 171 -8.08 -10.69 -5.38
C ALA C 171 -9.31 -11.52 -4.98
N ARG C 172 -10.41 -11.42 -5.74
CA ARG C 172 -11.57 -12.26 -5.42
C ARG C 172 -11.29 -13.74 -5.64
N ILE C 173 -10.29 -14.04 -6.46
CA ILE C 173 -9.95 -15.43 -6.72
C ILE C 173 -9.40 -16.11 -5.47
N PRO C 174 -8.28 -15.62 -4.90
CA PRO C 174 -7.86 -16.29 -3.67
C PRO C 174 -8.89 -16.18 -2.54
N LEU C 175 -9.62 -15.06 -2.46
CA LEU C 175 -10.65 -14.93 -1.43
C LEU C 175 -11.74 -15.99 -1.52
N CYS C 176 -12.24 -16.23 -2.74
CA CYS C 176 -13.32 -17.19 -2.94
C CYS C 176 -12.87 -18.60 -2.63
N ARG C 177 -11.66 -18.91 -3.06
CA ARG C 177 -11.07 -20.22 -2.83
C ARG C 177 -11.00 -20.48 -1.34
N ALA C 178 -10.42 -19.54 -0.60
CA ALA C 178 -10.27 -19.69 0.83
C ALA C 178 -11.60 -19.92 1.53
N VAL C 179 -12.66 -19.28 1.06
CA VAL C 179 -13.93 -19.38 1.75
C VAL C 179 -14.86 -20.44 1.17
N GLY C 180 -14.48 -21.04 0.05
CA GLY C 180 -15.24 -22.13 -0.51
C GLY C 180 -16.29 -21.71 -1.54
N LEU C 181 -16.19 -20.48 -2.04
CA LEU C 181 -17.10 -19.99 -3.07
C LEU C 181 -16.63 -20.39 -4.47
N LYS C 182 -17.56 -20.81 -5.31
CA LYS C 182 -17.20 -21.25 -6.66
C LYS C 182 -17.28 -20.12 -7.68
N LEU C 183 -18.00 -19.06 -7.36
CA LEU C 183 -18.29 -18.04 -8.35
C LEU C 183 -18.38 -16.66 -7.75
N SER C 184 -18.00 -15.66 -8.52
CA SER C 184 -18.28 -14.28 -8.17
C SER C 184 -19.03 -13.69 -9.33
N ALA C 185 -20.08 -12.93 -9.05
CA ALA C 185 -20.83 -12.27 -10.12
C ALA C 185 -21.24 -10.89 -9.65
N THR C 186 -21.25 -9.92 -10.56
CA THR C 186 -21.47 -8.54 -10.16
C THR C 186 -22.04 -7.73 -11.31
N CYS C 187 -22.84 -6.72 -10.98
CA CYS C 187 -23.26 -5.72 -11.97
C CYS C 187 -22.21 -4.62 -12.09
N PHE C 188 -21.46 -4.65 -13.19
CA PHE C 188 -20.48 -3.63 -13.50
C PHE C 188 -21.14 -2.59 -14.39
N THR C 189 -21.20 -1.37 -13.85
CA THR C 189 -22.10 -0.33 -14.34
C THR C 189 -21.47 0.61 -15.35
N GLY C 190 -20.14 0.65 -15.38
CA GLY C 190 -19.42 1.53 -16.30
C GLY C 190 -18.28 0.88 -17.07
N PRO C 191 -17.76 1.57 -18.09
CA PRO C 191 -16.76 0.99 -19.00
C PRO C 191 -15.44 0.62 -18.33
N ASN C 192 -14.98 1.42 -17.38
CA ASN C 192 -13.72 1.10 -16.74
C ASN C 192 -13.80 -0.08 -15.79
N SER C 193 -14.88 -0.19 -15.01
CA SER C 193 -15.03 -1.39 -14.18
C SER C 193 -15.25 -2.62 -15.06
N GLN C 194 -15.98 -2.46 -16.16
CA GLN C 194 -16.23 -3.58 -17.07
C GLN C 194 -14.89 -4.08 -17.67
N THR C 195 -14.04 -3.13 -18.04
CA THR C 195 -12.70 -3.43 -18.57
C THR C 195 -11.77 -4.11 -17.55
N ALA C 196 -11.71 -3.58 -16.34
CA ALA C 196 -10.95 -4.24 -15.27
C ALA C 196 -11.43 -5.70 -15.02
N ALA C 197 -12.75 -5.87 -14.98
CA ALA C 197 -13.33 -7.19 -14.77
C ALA C 197 -12.91 -8.13 -15.88
N THR C 198 -12.97 -7.65 -17.12
CA THR C 198 -12.60 -8.45 -18.28
C THR C 198 -11.12 -8.83 -18.24
N ARG C 199 -10.27 -7.90 -17.79
CA ARG C 199 -8.84 -8.23 -17.60
C ARG C 199 -8.64 -9.37 -16.62
N VAL C 200 -9.47 -9.41 -15.58
CA VAL C 200 -9.34 -10.43 -14.56
C VAL C 200 -9.87 -11.80 -15.00
N GLY C 201 -10.78 -11.80 -15.98
CA GLY C 201 -11.36 -13.05 -16.45
C GLY C 201 -12.86 -13.12 -16.28
N PHE C 202 -13.47 -12.03 -15.82
CA PHE C 202 -14.92 -11.96 -15.79
C PHE C 202 -15.45 -12.11 -17.21
N GLN C 203 -16.60 -12.76 -17.32
CA GLN C 203 -17.24 -12.97 -18.61
C GLN C 203 -18.71 -12.53 -18.54
N GLU C 204 -19.18 -11.88 -19.60
CA GLU C 204 -20.55 -11.36 -19.60
C GLU C 204 -21.63 -12.44 -19.41
N ASP C 205 -22.62 -12.13 -18.57
CA ASP C 205 -23.82 -12.97 -18.40
C ASP C 205 -24.99 -12.24 -19.02
N PHE C 206 -25.02 -10.92 -18.80
CA PHE C 206 -26.16 -10.15 -19.31
C PHE C 206 -25.82 -8.69 -19.57
N THR C 207 -26.36 -8.13 -20.65
CA THR C 207 -25.98 -6.77 -21.04
C THR C 207 -27.23 -5.99 -21.47
N ILE C 208 -27.38 -4.76 -20.99
CA ILE C 208 -28.55 -3.98 -21.38
C ILE C 208 -28.20 -2.50 -21.29
N THR C 209 -28.80 -1.65 -22.13
CA THR C 209 -28.58 -0.22 -21.97
C THR C 209 -29.50 0.35 -20.90
N TYR C 210 -29.07 1.46 -20.31
CA TYR C 210 -29.89 2.17 -19.35
C TYR C 210 -31.22 2.67 -19.95
N GLY C 211 -31.22 2.96 -21.25
CA GLY C 211 -32.46 3.32 -21.93
C GLY C 211 -33.47 2.18 -21.99
N GLU C 212 -32.95 0.98 -22.27
CA GLU C 212 -33.78 -0.22 -22.31
C GLU C 212 -34.30 -0.55 -20.91
N LEU C 213 -33.46 -0.29 -19.90
CA LEU C 213 -33.90 -0.42 -18.51
C LEU C 213 -35.04 0.53 -18.21
N ALA C 214 -34.95 1.73 -18.76
CA ALA C 214 -36.02 2.71 -18.58
C ALA C 214 -37.30 2.18 -19.22
N ARG C 215 -37.16 1.47 -20.32
CA ARG C 215 -38.34 0.83 -20.92
C ARG C 215 -38.89 -0.31 -20.04
N VAL C 216 -38.03 -0.92 -19.24
CA VAL C 216 -38.49 -1.99 -18.34
C VAL C 216 -39.33 -1.47 -17.16
N ASP C 217 -38.86 -0.41 -16.52
CA ASP C 217 -39.54 0.22 -15.40
C ASP C 217 -39.19 1.69 -15.49
N GLN C 218 -40.21 2.53 -15.41
CA GLN C 218 -40.05 3.96 -15.61
C GLN C 218 -39.10 4.60 -14.59
N ARG C 219 -38.98 3.99 -13.40
CA ARG C 219 -38.04 4.46 -12.37
C ARG C 219 -36.58 4.21 -12.77
N PHE C 220 -36.36 3.35 -13.76
CA PHE C 220 -35.00 2.98 -14.15
C PHE C 220 -34.41 3.96 -15.17
N ASN C 221 -34.72 5.24 -15.01
CA ASN C 221 -34.25 6.26 -15.94
C ASN C 221 -32.96 6.94 -15.47
N TYR C 222 -31.96 6.95 -16.36
CA TYR C 222 -30.63 7.45 -16.01
C TYR C 222 -30.12 8.48 -17.02
N PRO C 223 -30.51 9.75 -16.84
CA PRO C 223 -30.22 10.84 -17.77
C PRO C 223 -28.74 10.97 -18.10
N GLY C 224 -28.38 10.99 -19.38
CA GLY C 224 -27.00 11.18 -19.78
C GLY C 224 -26.23 9.92 -20.13
N ILE C 225 -26.75 8.77 -19.70
CA ILE C 225 -26.06 7.51 -19.96
C ILE C 225 -27.03 6.50 -20.62
N GLU C 226 -27.98 7.04 -21.38
CA GLU C 226 -29.02 6.21 -21.97
C GLU C 226 -28.47 5.08 -22.86
N GLU C 227 -27.46 5.38 -23.65
CA GLU C 227 -26.89 4.38 -24.57
C GLU C 227 -25.68 3.65 -23.98
N ASN C 228 -25.36 3.94 -22.73
CA ASN C 228 -24.32 3.22 -21.98
C ASN C 228 -24.78 1.81 -21.66
N PHE C 229 -23.83 0.88 -21.62
CA PHE C 229 -24.14 -0.50 -21.28
C PHE C 229 -23.96 -0.80 -19.79
N CYS C 230 -24.93 -1.51 -19.23
CA CYS C 230 -24.87 -2.08 -17.91
C CYS C 230 -24.62 -3.60 -18.10
N LYS C 231 -23.62 -4.14 -17.41
CA LYS C 231 -23.25 -5.55 -17.65
C LYS C 231 -23.14 -6.36 -16.37
N TYR C 232 -23.90 -7.44 -16.29
CA TYR C 232 -23.67 -8.44 -15.27
C TYR C 232 -22.63 -9.43 -15.79
N MET C 233 -21.55 -9.59 -15.02
CA MET C 233 -20.45 -10.47 -15.41
C MET C 233 -20.12 -11.42 -14.28
N SER C 234 -19.59 -12.59 -14.64
CA SER C 234 -19.26 -13.62 -13.66
C SER C 234 -17.85 -14.19 -13.86
N LEU C 235 -17.30 -14.77 -12.80
CA LEU C 235 -15.97 -15.34 -12.79
C LEU C 235 -16.01 -16.66 -12.01
N ARG C 236 -15.60 -17.73 -12.68
CA ARG C 236 -15.53 -19.04 -12.05
C ARG C 236 -14.17 -19.16 -11.39
N VAL C 237 -14.13 -19.59 -10.13
CA VAL C 237 -12.87 -19.80 -9.44
C VAL C 237 -12.54 -21.28 -9.59
N ASP C 238 -11.78 -21.61 -10.63
CA ASP C 238 -11.49 -23.02 -10.93
C ASP C 238 -10.00 -23.31 -11.11
N LYS D 2 -6.78 48.18 -15.33
CA LYS D 2 -6.33 46.79 -15.28
C LYS D 2 -6.20 46.22 -16.69
N TRP D 3 -5.35 45.20 -16.83
CA TRP D 3 -5.25 44.51 -18.10
C TRP D 3 -6.64 43.99 -18.52
N THR D 4 -6.99 44.16 -19.79
CA THR D 4 -8.33 43.81 -20.25
C THR D 4 -8.27 43.15 -21.64
N ARG D 5 -8.96 42.03 -21.79
CA ARG D 5 -8.98 41.35 -23.09
C ARG D 5 -9.62 42.27 -24.13
N SER D 6 -8.95 42.43 -25.28
CA SER D 6 -9.47 43.32 -26.31
C SER D 6 -10.79 42.81 -26.87
N VAL D 7 -11.76 43.72 -26.99
CA VAL D 7 -13.09 43.36 -27.50
C VAL D 7 -13.02 43.02 -28.99
N LYS D 8 -11.88 43.30 -29.61
CA LYS D 8 -11.71 43.04 -31.03
C LYS D 8 -11.44 41.57 -31.31
N VAL D 9 -11.06 40.82 -30.28
CA VAL D 9 -10.83 39.39 -30.44
C VAL D 9 -12.19 38.70 -30.40
N PRO D 10 -12.49 37.88 -31.40
CA PRO D 10 -13.78 37.17 -31.45
C PRO D 10 -14.07 36.44 -30.13
N PHE D 11 -15.31 36.50 -29.68
CA PHE D 11 -15.75 35.87 -28.43
C PHE D 11 -17.16 35.35 -28.55
N PRO D 12 -17.38 34.04 -28.28
CA PRO D 12 -16.34 33.09 -27.87
C PRO D 12 -15.55 32.58 -29.07
N SER D 13 -14.27 32.30 -28.86
CA SER D 13 -13.43 31.71 -29.90
C SER D 13 -13.12 30.26 -29.54
N VAL D 14 -13.04 29.40 -30.56
CA VAL D 14 -12.51 28.05 -30.42
C VAL D 14 -11.02 28.11 -30.72
N TRP D 15 -10.21 27.66 -29.77
CA TRP D 15 -8.77 27.81 -29.90
C TRP D 15 -8.06 26.58 -30.47
N HIS D 16 -8.64 25.40 -30.22
CA HIS D 16 -7.91 24.17 -30.51
C HIS D 16 -8.92 23.07 -30.67
N ARG D 17 -8.77 22.27 -31.73
CA ARG D 17 -9.56 21.04 -31.89
C ARG D 17 -8.63 19.83 -32.01
N PHE D 18 -8.95 18.77 -31.26
CA PHE D 18 -8.11 17.59 -31.20
C PHE D 18 -8.92 16.30 -31.01
N GLN D 19 -8.26 15.16 -31.21
CA GLN D 19 -8.87 13.86 -30.95
C GLN D 19 -8.29 13.19 -29.74
N ALA D 20 -9.14 12.48 -29.00
CA ALA D 20 -8.71 11.75 -27.81
C ALA D 20 -9.68 10.60 -27.65
N LYS D 21 -9.37 9.67 -26.76
CA LYS D 21 -10.24 8.51 -26.62
C LYS D 21 -11.62 8.92 -26.10
N ASP D 22 -12.64 8.22 -26.58
CA ASP D 22 -13.99 8.47 -26.11
C ASP D 22 -14.22 7.90 -24.71
N LEU D 23 -15.47 7.93 -24.27
CA LEU D 23 -15.83 7.56 -22.92
C LEU D 23 -15.53 6.09 -22.61
N THR D 24 -15.66 5.23 -23.62
CA THR D 24 -15.42 3.80 -23.43
C THR D 24 -13.93 3.49 -23.49
N SER D 25 -13.17 4.43 -24.06
CA SER D 25 -11.74 4.28 -24.35
C SER D 25 -11.51 3.29 -25.50
N GLN D 26 -12.52 3.15 -26.34
CA GLN D 26 -12.44 2.23 -27.48
C GLN D 26 -12.30 2.94 -28.83
N GLN D 27 -12.44 4.26 -28.86
CA GLN D 27 -12.44 5.01 -30.12
C GLN D 27 -11.88 6.43 -29.93
N LEU D 28 -11.13 6.96 -30.91
CA LEU D 28 -10.77 8.37 -30.88
C LEU D 28 -11.93 9.19 -31.43
N VAL D 29 -12.31 10.24 -30.72
CA VAL D 29 -13.33 11.18 -31.19
C VAL D 29 -12.83 12.62 -31.06
N TRP D 30 -13.52 13.56 -31.70
CA TRP D 30 -13.13 14.97 -31.57
C TRP D 30 -13.51 15.66 -30.25
N TYR D 31 -12.61 16.51 -29.78
CA TYR D 31 -12.84 17.43 -28.68
C TYR D 31 -12.40 18.81 -29.13
N ARG D 32 -12.78 19.83 -28.37
CA ARG D 32 -12.28 21.18 -28.61
C ARG D 32 -12.10 21.95 -27.30
N VAL D 33 -11.23 22.95 -27.38
CA VAL D 33 -11.02 23.86 -26.27
C VAL D 33 -11.38 25.27 -26.76
N GLN D 34 -12.24 25.97 -26.04
CA GLN D 34 -12.72 27.29 -26.46
C GLN D 34 -12.91 28.19 -25.27
N ASP D 35 -13.14 29.48 -25.52
CA ASP D 35 -13.52 30.41 -24.46
C ASP D 35 -14.76 29.90 -23.76
N LEU D 36 -14.79 30.00 -22.43
CA LEU D 36 -15.96 29.61 -21.64
C LEU D 36 -17.14 30.60 -21.86
N PRO D 37 -18.26 30.12 -22.42
CA PRO D 37 -19.40 31.03 -22.57
C PRO D 37 -19.91 31.52 -21.21
N GLU D 38 -20.35 32.78 -21.19
CA GLU D 38 -20.88 33.37 -19.98
C GLU D 38 -22.03 32.54 -19.41
N ASP D 39 -22.93 32.05 -20.26
CA ASP D 39 -24.05 31.25 -19.76
C ASP D 39 -23.64 29.91 -19.14
N ARG D 40 -22.36 29.56 -19.22
CA ARG D 40 -21.85 28.35 -18.59
C ARG D 40 -21.01 28.63 -17.34
N PHE D 41 -20.88 29.91 -16.97
CA PHE D 41 -20.11 30.25 -15.75
C PHE D 41 -20.55 29.40 -14.56
N GLU D 42 -21.85 29.33 -14.30
CA GLU D 42 -22.34 28.56 -13.17
C GLU D 42 -21.92 27.09 -13.29
N ASP D 43 -22.13 26.52 -14.48
CA ASP D 43 -21.80 25.11 -14.67
C ASP D 43 -20.33 24.92 -14.34
N ALA D 44 -19.52 25.88 -14.76
CA ALA D 44 -18.07 25.75 -14.63
C ALA D 44 -17.70 25.72 -13.15
N ILE D 45 -18.34 26.60 -12.40
CA ILE D 45 -18.07 26.68 -10.97
C ILE D 45 -18.44 25.35 -10.35
N ARG D 46 -19.58 24.81 -10.71
CA ARG D 46 -20.03 23.55 -10.19
C ARG D 46 -18.97 22.48 -10.43
N HIS D 47 -18.45 22.47 -11.66
CA HIS D 47 -17.49 21.46 -12.05
C HIS D 47 -16.28 21.60 -11.13
N MET D 48 -15.82 22.85 -10.97
CA MET D 48 -14.60 23.10 -10.20
C MET D 48 -14.81 22.70 -8.76
N CYS D 49 -16.03 22.88 -8.26
CA CYS D 49 -16.28 22.56 -6.87
C CYS D 49 -16.35 21.05 -6.75
N ASP D 50 -16.92 20.42 -7.76
CA ASP D 50 -17.12 18.98 -7.71
C ASP D 50 -15.83 18.18 -7.78
N TYR D 51 -14.89 18.63 -8.59
CA TYR D 51 -13.75 17.79 -8.91
C TYR D 51 -12.42 18.39 -8.46
N PHE D 52 -12.15 19.62 -8.85
CA PHE D 52 -10.90 20.28 -8.48
C PHE D 52 -10.78 20.49 -6.97
N ALA D 53 -11.83 21.01 -6.35
CA ALA D 53 -11.81 21.25 -4.92
C ALA D 53 -11.57 19.94 -4.17
N ARG D 54 -12.09 18.85 -4.71
CA ARG D 54 -11.97 17.59 -4.00
C ARG D 54 -10.69 16.81 -4.35
N ASP D 55 -10.22 16.90 -5.59
CA ASP D 55 -9.14 16.02 -6.07
C ASP D 55 -7.74 16.61 -6.20
N GLU D 56 -7.64 17.92 -6.40
CA GLU D 56 -6.33 18.56 -6.52
C GLU D 56 -5.53 18.26 -5.27
N LEU D 57 -4.24 18.03 -5.44
CA LEU D 57 -3.36 17.51 -4.39
C LEU D 57 -3.31 18.28 -3.08
N MET D 58 -3.10 19.59 -3.17
CA MET D 58 -3.06 20.43 -1.98
C MET D 58 -4.43 20.51 -1.35
N ASN D 59 -5.44 20.67 -2.20
CA ASN D 59 -6.82 20.73 -1.76
C ASN D 59 -7.20 19.49 -0.97
N GLN D 60 -6.90 18.32 -1.51
CA GLN D 60 -7.20 17.08 -0.81
C GLN D 60 -6.33 16.92 0.44
N ALA D 61 -5.08 17.37 0.38
CA ALA D 61 -4.21 17.24 1.53
C ALA D 61 -4.73 18.03 2.74
N LYS D 62 -5.18 19.26 2.48
CA LYS D 62 -5.69 20.14 3.55
C LYS D 62 -7.14 19.91 3.95
N GLY D 63 -7.91 19.27 3.07
CA GLY D 63 -9.33 19.07 3.30
C GLY D 63 -10.17 20.26 2.88
N LEU D 64 -9.78 20.93 1.79
CA LEU D 64 -10.55 22.06 1.28
C LEU D 64 -12.04 21.77 1.07
N ALA D 65 -12.36 20.65 0.43
CA ALA D 65 -13.74 20.34 0.05
C ALA D 65 -14.70 20.13 1.24
N LYS D 66 -14.17 19.78 2.41
CA LYS D 66 -15.04 19.57 3.56
C LYS D 66 -15.21 20.82 4.42
N ASP D 67 -14.55 21.91 4.03
CA ASP D 67 -14.58 23.16 4.79
C ASP D 67 -15.47 24.14 4.06
N LEU D 68 -16.67 24.39 4.59
CA LEU D 68 -17.64 25.28 3.93
C LEU D 68 -17.10 26.70 3.69
N VAL D 69 -16.35 27.21 4.67
CA VAL D 69 -15.78 28.56 4.56
C VAL D 69 -14.74 28.61 3.46
N ALA D 70 -13.92 27.57 3.39
CA ALA D 70 -12.88 27.53 2.36
C ALA D 70 -13.52 27.39 0.98
N MET D 71 -14.53 26.53 0.88
CA MET D 71 -15.29 26.41 -0.37
C MET D 71 -15.85 27.77 -0.79
N GLY D 72 -16.35 28.53 0.18
CA GLY D 72 -16.80 29.88 -0.10
C GLY D 72 -15.68 30.74 -0.69
N ASP D 73 -14.51 30.66 -0.06
CA ASP D 73 -13.32 31.42 -0.49
C ASP D 73 -12.96 31.18 -1.95
N VAL D 74 -12.86 29.90 -2.30
CA VAL D 74 -12.44 29.53 -3.65
C VAL D 74 -13.52 29.87 -4.68
N VAL D 75 -14.79 29.66 -4.33
CA VAL D 75 -15.88 30.05 -5.23
C VAL D 75 -15.88 31.55 -5.51
N ALA D 76 -15.69 32.34 -4.46
CA ALA D 76 -15.64 33.79 -4.63
C ALA D 76 -14.47 34.23 -5.52
N LEU D 77 -13.32 33.59 -5.33
CA LEU D 77 -12.16 33.83 -6.19
C LEU D 77 -12.40 33.49 -7.68
N TRP D 78 -12.87 32.28 -7.94
CA TRP D 78 -13.17 31.88 -9.30
C TRP D 78 -14.19 32.81 -9.95
N LYS D 79 -15.20 33.19 -9.18
CA LYS D 79 -16.26 34.08 -9.64
C LYS D 79 -15.72 35.48 -9.94
N ALA D 80 -14.68 35.88 -9.23
CA ALA D 80 -14.04 37.16 -9.49
C ALA D 80 -13.16 37.06 -10.72
N MET D 81 -12.73 35.85 -11.07
CA MET D 81 -11.86 35.67 -12.24
C MET D 81 -12.62 35.54 -13.55
N LEU D 82 -13.76 34.86 -13.51
CA LEU D 82 -14.49 34.54 -14.73
C LEU D 82 -14.85 35.72 -15.64
N PRO D 83 -15.29 36.86 -15.07
CA PRO D 83 -15.61 37.97 -15.99
C PRO D 83 -14.39 38.59 -16.71
N ASP D 84 -13.18 38.12 -16.44
CA ASP D 84 -12.03 38.55 -17.25
C ASP D 84 -12.10 37.99 -18.67
N ARG D 85 -12.98 37.01 -18.85
CA ARG D 85 -13.20 36.37 -20.17
C ARG D 85 -11.92 35.73 -20.72
N MET D 86 -11.17 35.02 -19.87
CA MET D 86 -9.98 34.31 -20.33
C MET D 86 -10.04 32.82 -19.98
N SER D 87 -11.10 32.40 -19.32
CA SER D 87 -11.16 31.00 -18.88
C SER D 87 -11.48 30.07 -20.06
N LEU D 88 -10.92 28.86 -20.03
CA LEU D 88 -11.07 27.94 -21.13
C LEU D 88 -11.87 26.72 -20.72
N VAL D 89 -12.64 26.18 -21.67
CA VAL D 89 -13.46 25.00 -21.45
C VAL D 89 -13.25 24.00 -22.58
N CYS D 90 -13.26 22.71 -22.23
CA CYS D 90 -13.15 21.66 -23.21
C CYS D 90 -14.48 20.93 -23.35
N PHE D 91 -14.95 20.76 -24.60
CA PHE D 91 -16.13 19.95 -24.88
C PHE D 91 -15.75 18.78 -25.77
N ARG D 92 -16.42 17.64 -25.60
CA ARG D 92 -16.36 16.59 -26.61
C ARG D 92 -17.40 16.97 -27.67
N GLU D 93 -17.00 16.95 -28.94
CA GLU D 93 -17.88 17.43 -30.02
C GLU D 93 -19.20 16.65 -30.02
N GLY D 94 -20.31 17.39 -30.10
CA GLY D 94 -21.65 16.83 -30.04
C GLY D 94 -22.35 17.12 -28.73
N SER D 95 -21.56 17.26 -27.64
CA SER D 95 -22.13 17.43 -26.31
C SER D 95 -21.75 18.76 -25.66
N ASP D 96 -22.66 19.34 -24.88
CA ASP D 96 -22.33 20.58 -24.19
C ASP D 96 -21.89 20.29 -22.75
N GLU D 97 -21.76 19.02 -22.41
CA GLU D 97 -21.26 18.65 -21.09
C GLU D 97 -19.81 19.11 -20.90
N ILE D 98 -19.51 19.71 -19.76
CA ILE D 98 -18.13 20.14 -19.51
C ILE D 98 -17.19 18.95 -19.30
N VAL D 99 -16.20 18.80 -20.19
CA VAL D 99 -15.18 17.76 -20.09
C VAL D 99 -14.07 18.25 -19.16
N GLY D 100 -13.68 19.51 -19.32
CA GLY D 100 -12.74 20.10 -18.40
C GLY D 100 -12.76 21.62 -18.45
N VAL D 101 -12.12 22.24 -17.47
CA VAL D 101 -12.12 23.70 -17.41
C VAL D 101 -10.80 24.20 -16.78
N ASN D 102 -10.35 25.37 -17.21
CA ASN D 102 -9.16 26.00 -16.65
C ASN D 102 -9.58 27.45 -16.39
N ILE D 103 -9.59 27.84 -15.11
CA ILE D 103 -9.96 29.20 -14.76
C ILE D 103 -8.68 30.03 -14.84
N LEU D 104 -8.66 30.99 -15.75
CA LEU D 104 -7.46 31.76 -16.01
C LEU D 104 -7.67 33.23 -15.72
N ASP D 105 -6.60 33.95 -15.41
CA ASP D 105 -6.66 35.41 -15.45
C ASP D 105 -5.30 35.95 -15.83
N VAL D 106 -5.12 37.26 -15.82
CA VAL D 106 -3.81 37.82 -16.09
C VAL D 106 -3.16 38.36 -14.82
N ALA D 107 -1.92 37.95 -14.61
CA ALA D 107 -1.14 38.44 -13.48
C ALA D 107 -0.33 39.64 -13.97
N SER D 108 -0.27 40.68 -13.14
CA SER D 108 0.41 41.91 -13.53
C SER D 108 1.35 42.42 -12.46
N ARG D 109 2.42 43.09 -12.89
CA ARG D 109 3.43 43.66 -11.98
C ARG D 109 2.78 44.48 -10.86
N SER D 110 1.67 45.11 -11.21
CA SER D 110 0.94 46.02 -10.33
C SER D 110 -0.32 45.37 -9.75
N ASP D 111 -0.24 44.09 -9.41
CA ASP D 111 -1.33 43.46 -8.68
C ASP D 111 -1.52 43.79 -7.17
N LYS D 112 -0.48 43.63 -6.36
CA LYS D 112 -0.56 42.70 -5.23
C LYS D 112 0.22 43.11 -3.99
N ASP D 113 0.79 42.11 -3.31
CA ASP D 113 0.50 41.63 -1.94
C ASP D 113 -0.90 41.09 -1.64
N ASN D 114 -1.47 41.54 -0.53
CA ASN D 114 -2.42 40.77 0.33
C ASN D 114 -3.83 40.47 -0.21
N ALA D 115 -3.98 39.43 -1.02
CA ALA D 115 -5.27 38.80 -1.14
C ALA D 115 -5.58 37.98 0.08
N GLN D 116 -6.80 38.12 0.54
CA GLN D 116 -7.19 37.77 1.89
C GLN D 116 -8.50 36.97 1.95
N PHE D 117 -8.51 35.94 2.78
CA PHE D 117 -9.61 34.97 2.78
C PHE D 117 -10.09 34.65 4.17
N ASN D 118 -11.32 34.12 4.23
CA ASN D 118 -11.99 33.83 5.48
C ASN D 118 -11.46 32.61 6.23
N SER D 119 -11.10 31.56 5.50
CA SER D 119 -10.73 30.30 6.13
C SER D 119 -9.22 30.17 6.26
N ALA D 120 -8.77 29.50 7.32
CA ALA D 120 -7.35 29.22 7.47
C ALA D 120 -6.83 28.37 6.31
N ILE D 121 -7.65 27.42 5.86
CA ILE D 121 -7.18 26.46 4.89
C ILE D 121 -6.89 27.11 3.54
N PHE D 122 -7.84 27.88 3.02
CA PHE D 122 -7.58 28.46 1.72
C PHE D 122 -6.57 29.59 1.80
N GLN D 123 -6.58 30.33 2.91
CA GLN D 123 -5.55 31.34 3.07
C GLN D 123 -4.18 30.67 2.96
N ALA D 124 -4.03 29.53 3.63
CA ALA D 124 -2.77 28.78 3.58
C ALA D 124 -2.42 28.30 2.17
N ILE D 125 -3.37 27.67 1.48
CA ILE D 125 -3.15 27.20 0.11
C ILE D 125 -2.73 28.36 -0.81
N TYR D 126 -3.51 29.44 -0.76
CA TYR D 126 -3.27 30.61 -1.58
C TYR D 126 -1.89 31.21 -1.30
N ASP D 127 -1.54 31.30 -0.01
CA ASP D 127 -0.24 31.85 0.40
C ASP D 127 0.93 30.96 -0.02
N THR D 128 0.70 29.65 -0.06
CA THR D 128 1.72 28.72 -0.52
C THR D 128 1.99 28.99 -1.99
N ILE D 129 0.91 29.06 -2.75
CA ILE D 129 1.02 29.34 -4.18
C ILE D 129 1.69 30.70 -4.43
N GLU D 130 1.32 31.73 -3.66
CA GLU D 130 1.92 33.05 -3.86
C GLU D 130 3.40 33.08 -3.47
N TYR D 131 3.76 32.34 -2.43
CA TYR D 131 5.16 32.17 -2.07
C TYR D 131 5.97 31.55 -3.22
N VAL D 132 5.44 30.46 -3.79
CA VAL D 132 6.11 29.84 -4.94
C VAL D 132 6.20 30.81 -6.13
N SER D 133 5.11 31.50 -6.40
CA SER D 133 5.08 32.46 -7.50
C SER D 133 6.16 33.53 -7.37
N HIS D 134 6.24 34.13 -6.19
CA HIS D 134 7.21 35.17 -5.90
C HIS D 134 8.61 34.62 -6.06
N GLN D 135 8.87 33.47 -5.44
CA GLN D 135 10.19 32.84 -5.54
C GLN D 135 10.54 32.65 -7.00
N ALA D 136 9.53 32.40 -7.84
CA ALA D 136 9.77 32.23 -9.27
C ALA D 136 10.18 33.54 -9.96
N ASN D 137 9.71 34.67 -9.45
CA ASN D 137 10.06 35.99 -9.99
C ASN D 137 9.92 36.15 -11.49
N ILE D 138 8.80 35.70 -12.00
CA ILE D 138 8.53 35.67 -13.42
C ILE D 138 8.70 37.02 -14.15
N PHE D 139 8.15 38.08 -13.57
CA PHE D 139 8.18 39.42 -14.17
C PHE D 139 9.60 39.88 -14.53
N ASP D 140 10.53 39.82 -13.58
CA ASP D 140 11.91 40.21 -13.87
C ASP D 140 12.68 39.15 -14.66
N ARG D 141 12.37 37.88 -14.41
CA ARG D 141 13.10 36.81 -15.07
C ARG D 141 12.87 36.82 -16.57
N TYR D 142 11.65 37.16 -16.99
CA TYR D 142 11.35 37.14 -18.41
C TYR D 142 11.16 38.54 -19.00
N ASN D 143 11.30 39.55 -18.14
CA ASN D 143 11.06 40.95 -18.52
C ASN D 143 9.66 41.13 -19.09
N VAL D 144 8.65 40.80 -18.31
CA VAL D 144 7.27 40.99 -18.71
C VAL D 144 6.51 41.77 -17.66
N ASP D 145 5.44 42.45 -18.07
CA ASP D 145 4.58 43.13 -17.11
C ASP D 145 3.32 42.31 -16.85
N HIS D 146 3.07 41.33 -17.72
CA HIS D 146 1.85 40.54 -17.60
C HIS D 146 2.13 39.11 -17.98
N TYR D 147 1.41 38.18 -17.36
CA TYR D 147 1.40 36.80 -17.86
C TYR D 147 0.09 36.09 -17.61
N LEU D 148 -0.26 35.14 -18.48
CA LEU D 148 -1.48 34.36 -18.29
C LEU D 148 -1.32 33.40 -17.12
N ASN D 149 -2.10 33.62 -16.07
CA ASN D 149 -2.07 32.77 -14.88
C ASN D 149 -3.36 31.93 -14.74
N ALA D 150 -3.40 31.08 -13.72
CA ALA D 150 -4.46 30.09 -13.55
C ALA D 150 -4.75 29.80 -12.08
N MET D 151 -6.01 29.49 -11.77
CA MET D 151 -6.38 29.04 -10.44
C MET D 151 -7.17 27.73 -10.53
N GLY D 152 -6.54 26.73 -11.14
CA GLY D 152 -7.11 25.41 -11.17
C GLY D 152 -7.45 24.92 -12.56
N LEU D 153 -6.98 23.71 -12.87
CA LEU D 153 -7.38 23.01 -14.09
C LEU D 153 -8.04 21.71 -13.67
N SER D 154 -9.18 21.42 -14.28
CA SER D 154 -9.94 20.27 -13.84
C SER D 154 -10.44 19.50 -15.02
N VAL D 155 -10.37 18.17 -14.94
CA VAL D 155 -10.97 17.29 -15.91
C VAL D 155 -11.93 16.37 -15.17
N ASP D 156 -13.12 16.21 -15.72
CA ASP D 156 -14.12 15.29 -15.20
C ASP D 156 -13.52 13.90 -15.10
N PRO D 157 -13.70 13.24 -13.95
CA PRO D 157 -13.22 11.88 -13.67
C PRO D 157 -13.46 10.88 -14.79
N LYS D 158 -14.57 10.98 -15.52
CA LYS D 158 -14.83 10.01 -16.58
C LYS D 158 -14.02 10.26 -17.85
N TYR D 159 -13.34 11.40 -17.90
CA TYR D 159 -12.52 11.77 -19.05
C TYR D 159 -11.02 11.86 -18.74
N ARG D 160 -10.65 11.52 -17.52
CA ARG D 160 -9.25 11.63 -17.13
C ARG D 160 -8.35 10.59 -17.82
N GLY D 161 -7.06 10.92 -17.91
CA GLY D 161 -6.06 10.00 -18.45
C GLY D 161 -6.03 9.85 -19.97
N ARG D 162 -6.56 10.84 -20.67
CA ARG D 162 -6.67 10.78 -22.13
C ARG D 162 -5.85 11.87 -22.80
N GLY D 163 -5.13 12.64 -21.98
CA GLY D 163 -4.37 13.77 -22.47
C GLY D 163 -5.17 15.05 -22.61
N ILE D 164 -6.37 15.09 -22.04
CA ILE D 164 -7.19 16.28 -22.13
C ILE D 164 -6.59 17.49 -21.39
N ALA D 165 -5.99 17.25 -20.23
CA ALA D 165 -5.38 18.37 -19.50
C ALA D 165 -4.28 19.01 -20.34
N THR D 166 -3.47 18.17 -20.99
CA THR D 166 -2.43 18.66 -21.88
C THR D 166 -3.00 19.55 -22.97
N GLU D 167 -4.07 19.11 -23.62
CA GLU D 167 -4.64 19.91 -24.71
C GLU D 167 -5.28 21.22 -24.22
N ILE D 168 -5.87 21.18 -23.01
CA ILE D 168 -6.39 22.42 -22.43
C ILE D 168 -5.26 23.43 -22.22
N LEU D 169 -4.13 22.95 -21.69
CA LEU D 169 -2.97 23.83 -21.54
C LEU D 169 -2.42 24.31 -22.88
N ARG D 170 -2.45 23.45 -23.88
CA ARG D 170 -1.89 23.79 -25.19
C ARG D 170 -2.68 24.94 -25.79
N ALA D 171 -3.97 25.00 -25.47
CA ALA D 171 -4.80 26.08 -26.01
C ALA D 171 -4.37 27.47 -25.54
N ARG D 172 -3.50 27.55 -24.53
CA ARG D 172 -3.01 28.84 -24.07
C ARG D 172 -2.16 29.51 -25.14
N ILE D 173 -1.59 28.70 -26.01
CA ILE D 173 -0.73 29.25 -27.05
C ILE D 173 -1.53 30.13 -28.03
N PRO D 174 -2.60 29.57 -28.66
CA PRO D 174 -3.32 30.50 -29.53
C PRO D 174 -4.05 31.62 -28.78
N LEU D 175 -4.51 31.36 -27.57
CA LEU D 175 -5.20 32.40 -26.78
C LEU D 175 -4.26 33.59 -26.52
N CYS D 176 -3.04 33.30 -26.08
CA CYS D 176 -2.01 34.32 -25.83
C CYS D 176 -1.65 35.05 -27.11
N ARG D 177 -1.50 34.31 -28.21
CA ARG D 177 -1.18 34.89 -29.52
C ARG D 177 -2.22 35.92 -29.93
N ALA D 178 -3.48 35.61 -29.60
CA ALA D 178 -4.63 36.43 -29.96
C ALA D 178 -4.72 37.71 -29.15
N VAL D 179 -4.46 37.63 -27.84
CA VAL D 179 -4.66 38.77 -26.96
C VAL D 179 -3.39 39.60 -26.73
N GLY D 180 -2.27 39.14 -27.26
CA GLY D 180 -1.01 39.87 -27.14
C GLY D 180 -0.21 39.66 -25.86
N LEU D 181 -0.30 38.47 -25.28
CA LEU D 181 0.48 38.12 -24.10
C LEU D 181 1.68 37.27 -24.52
N LYS D 182 2.85 37.55 -23.95
CA LYS D 182 4.09 36.92 -24.39
C LYS D 182 4.44 35.68 -23.56
N LEU D 183 3.79 35.55 -22.41
CA LEU D 183 4.13 34.48 -21.49
C LEU D 183 2.92 33.98 -20.75
N SER D 184 2.92 32.68 -20.45
CA SER D 184 1.98 32.13 -19.47
C SER D 184 2.82 31.47 -18.39
N ALA D 185 2.40 31.58 -17.13
CA ALA D 185 3.12 30.90 -16.04
C ALA D 185 2.11 30.49 -14.98
N THR D 186 2.39 29.38 -14.32
CA THR D 186 1.41 28.82 -13.41
C THR D 186 2.07 27.92 -12.38
N CYS D 187 1.50 27.91 -11.18
CA CYS D 187 1.88 26.96 -10.14
C CYS D 187 1.14 25.67 -10.42
N PHE D 188 1.88 24.66 -10.89
CA PHE D 188 1.36 23.32 -11.12
C PHE D 188 1.69 22.49 -9.86
N THR D 189 0.64 21.95 -9.26
CA THR D 189 0.70 21.49 -7.88
C THR D 189 0.82 19.99 -7.72
N GLY D 190 0.54 19.26 -8.79
CA GLY D 190 0.65 17.81 -8.75
C GLY D 190 1.33 17.25 -9.98
N PRO D 191 1.68 15.96 -9.96
CA PRO D 191 2.46 15.37 -11.03
C PRO D 191 1.73 15.34 -12.38
N ASN D 192 0.41 15.17 -12.38
CA ASN D 192 -0.33 15.10 -13.61
C ASN D 192 -0.31 16.43 -14.37
N SER D 193 -0.58 17.52 -13.66
CA SER D 193 -0.60 18.84 -14.29
C SER D 193 0.81 19.24 -14.68
N GLN D 194 1.78 18.78 -13.88
CA GLN D 194 3.19 19.08 -14.14
C GLN D 194 3.66 18.40 -15.43
N THR D 195 3.25 17.13 -15.59
CA THR D 195 3.56 16.34 -16.76
C THR D 195 2.91 16.95 -17.97
N ALA D 196 1.68 17.41 -17.78
CA ALA D 196 0.91 18.03 -18.86
C ALA D 196 1.62 19.29 -19.37
N ALA D 197 1.96 20.14 -18.42
CA ALA D 197 2.68 21.38 -18.70
C ALA D 197 3.98 21.10 -19.45
N THR D 198 4.75 20.12 -18.98
CA THR D 198 6.03 19.80 -19.60
C THR D 198 5.78 19.34 -21.03
N ARG D 199 4.70 18.58 -21.21
CA ARG D 199 4.36 18.08 -22.54
C ARG D 199 4.08 19.22 -23.52
N VAL D 200 3.47 20.30 -23.03
CA VAL D 200 3.14 21.47 -23.88
C VAL D 200 4.36 22.33 -24.25
N GLY D 201 5.33 22.40 -23.35
CA GLY D 201 6.53 23.17 -23.63
C GLY D 201 6.90 24.05 -22.46
N PHE D 202 6.12 23.97 -21.38
CA PHE D 202 6.40 24.75 -20.18
C PHE D 202 7.75 24.36 -19.63
N GLN D 203 8.50 25.37 -19.20
CA GLN D 203 9.83 25.17 -18.63
C GLN D 203 9.72 25.37 -17.15
N GLU D 204 10.59 24.73 -16.38
CA GLU D 204 10.52 24.86 -14.93
C GLU D 204 11.26 26.11 -14.46
N ASP D 205 10.62 26.91 -13.61
CA ASP D 205 11.26 28.10 -13.03
C ASP D 205 11.45 27.99 -11.53
N PHE D 206 10.63 27.18 -10.88
CA PHE D 206 10.88 26.96 -9.46
C PHE D 206 10.30 25.65 -9.01
N THR D 207 11.00 24.97 -8.10
CA THR D 207 10.56 23.65 -7.65
C THR D 207 10.83 23.49 -6.15
N ILE D 208 9.83 23.03 -5.40
CA ILE D 208 10.01 22.90 -3.95
C ILE D 208 9.09 21.82 -3.40
N THR D 209 9.52 21.04 -2.39
CA THR D 209 8.61 20.03 -1.84
C THR D 209 7.64 20.65 -0.85
N TYR D 210 6.50 20.01 -0.64
CA TYR D 210 5.55 20.52 0.34
C TYR D 210 6.15 20.42 1.73
N GLY D 211 7.08 19.48 1.87
CA GLY D 211 7.89 19.34 3.08
C GLY D 211 8.78 20.53 3.34
N GLU D 212 9.42 21.06 2.31
CA GLU D 212 10.24 22.27 2.45
C GLU D 212 9.36 23.49 2.66
N LEU D 213 8.21 23.48 2.02
CA LEU D 213 7.23 24.54 2.22
C LEU D 213 6.81 24.64 3.67
N ALA D 214 6.57 23.49 4.30
CA ALA D 214 6.16 23.46 5.70
C ALA D 214 7.17 24.14 6.65
N ARG D 215 8.45 23.99 6.38
CA ARG D 215 9.45 24.65 7.21
C ARG D 215 9.69 26.09 6.75
N VAL D 216 9.28 26.42 5.53
CA VAL D 216 9.24 27.81 5.13
C VAL D 216 8.20 28.55 5.97
N ASP D 217 6.96 28.06 5.94
CA ASP D 217 5.86 28.57 6.77
C ASP D 217 5.07 27.39 7.31
N GLN D 218 4.87 27.36 8.63
CA GLN D 218 4.25 26.23 9.32
C GLN D 218 2.84 25.92 8.84
N ARG D 219 2.18 26.92 8.27
CA ARG D 219 0.85 26.74 7.73
C ARG D 219 0.89 25.93 6.44
N PHE D 220 2.08 25.82 5.85
CA PHE D 220 2.23 25.20 4.54
C PHE D 220 2.48 23.70 4.66
N ASN D 221 1.74 23.07 5.56
CA ASN D 221 1.88 21.64 5.79
C ASN D 221 0.81 20.84 5.04
N TYR D 222 1.24 19.86 4.26
CA TYR D 222 0.32 19.09 3.42
C TYR D 222 0.52 17.59 3.62
N PRO D 223 -0.13 17.03 4.65
CA PRO D 223 0.07 15.62 5.02
C PRO D 223 -0.17 14.68 3.86
N GLY D 224 0.74 13.74 3.64
CA GLY D 224 0.55 12.71 2.63
C GLY D 224 1.32 13.00 1.36
N ILE D 225 1.63 14.27 1.12
CA ILE D 225 2.36 14.65 -0.08
C ILE D 225 3.60 15.48 0.24
N GLU D 226 4.19 15.24 1.41
CA GLU D 226 5.32 16.02 1.87
C GLU D 226 6.54 15.94 0.94
N GLU D 227 6.66 14.84 0.21
CA GLU D 227 7.83 14.59 -0.62
C GLU D 227 7.55 14.91 -2.08
N ASN D 228 6.30 15.23 -2.39
CA ASN D 228 5.96 15.65 -3.74
C ASN D 228 6.29 17.10 -4.01
N PHE D 229 6.38 17.44 -5.30
CA PHE D 229 6.84 18.74 -5.71
C PHE D 229 5.73 19.71 -6.06
N CYS D 230 5.96 20.96 -5.71
CA CYS D 230 5.19 22.10 -6.15
C CYS D 230 6.07 22.85 -7.13
N LYS D 231 5.55 23.15 -8.32
CA LYS D 231 6.40 23.72 -9.37
C LYS D 231 5.79 24.98 -9.98
N TYR D 232 6.61 25.98 -10.23
CA TYR D 232 6.16 27.15 -10.98
C TYR D 232 6.79 27.03 -12.37
N MET D 233 5.95 26.91 -13.41
CA MET D 233 6.45 26.69 -14.76
C MET D 233 5.93 27.76 -15.73
N SER D 234 6.71 28.03 -16.77
CA SER D 234 6.34 29.08 -17.70
C SER D 234 6.50 28.66 -19.18
N LEU D 235 5.77 29.34 -20.03
CA LEU D 235 5.76 29.06 -21.45
C LEU D 235 5.82 30.37 -22.20
N ARG D 236 6.86 30.54 -23.01
CA ARG D 236 6.99 31.71 -23.87
C ARG D 236 6.22 31.45 -25.16
N VAL D 237 5.29 32.34 -25.48
CA VAL D 237 4.59 32.30 -26.75
C VAL D 237 5.37 33.22 -27.67
N ASP D 238 6.43 32.66 -28.25
CA ASP D 238 7.46 33.43 -28.96
C ASP D 238 7.36 33.33 -30.48
I IOD E . 11.96 -18.34 20.78
I IOD F . 23.20 14.21 28.24
I IOD G . 21.14 9.01 36.03
I IOD H . -5.14 -29.86 36.40
I IOD I . -2.76 -6.45 11.65
C1 EDO J . 20.34 -8.18 15.20
O1 EDO J . 20.44 -7.19 16.23
C2 EDO J . 19.34 -9.28 15.52
O2 EDO J . 18.35 -8.77 16.39
I IOD K . 1.85 -14.72 -22.03
I IOD L . 10.97 -24.39 10.73
I IOD M . 26.94 -11.30 4.93
I IOD N . 3.01 -22.88 -22.62
I IOD O . -2.66 -25.24 3.45
S SO4 P . 26.93 -23.42 -4.48
O1 SO4 P . 26.77 -24.25 -3.30
O2 SO4 P . 28.24 -23.69 -5.09
O3 SO4 P . 25.89 -23.74 -5.45
O4 SO4 P . 26.85 -22.02 -4.12
C1 EDO Q . 3.58 -13.92 3.83
O1 EDO Q . 3.18 -14.57 2.62
C2 EDO Q . 4.22 -14.96 4.75
O2 EDO Q . 4.90 -14.28 5.82
I IOD R . -8.47 6.81 4.61
I IOD S . -22.21 -23.53 -4.25
I IOD T . -29.04 -21.38 -0.27
S SO4 U . -7.71 0.22 -12.98
O1 SO4 U . -7.96 0.76 -11.65
O2 SO4 U . -7.47 -1.22 -12.88
O3 SO4 U . -8.88 0.45 -13.83
O4 SO4 U . -6.56 0.87 -13.57
C1 EDO V . -0.75 -12.36 5.84
O1 EDO V . -1.82 -13.15 5.31
C2 EDO V . 0.26 -11.97 4.77
O2 EDO V . 1.04 -10.83 5.21
C1 EDO W . -20.39 -0.74 10.55
O1 EDO W . -20.58 -1.94 9.78
C2 EDO W . -19.54 0.19 9.73
O2 EDO W . -19.55 1.49 10.27
I IOD X . -21.76 20.44 -17.05
S SO4 Y . -5.29 14.14 -18.57
O1 SO4 Y . -5.88 13.87 -17.26
O2 SO4 Y . -5.17 12.90 -19.32
O3 SO4 Y . -6.13 15.08 -19.30
O4 SO4 Y . -3.95 14.73 -18.39
C1 EDO Z . -20.85 34.08 -12.16
O1 EDO Z . -19.59 34.76 -12.31
C2 EDO Z . -20.60 32.65 -11.71
O2 EDO Z . -21.84 32.08 -11.25
#